data_4R9T
#
_entry.id   4R9T
#
_cell.length_a   96.110
_cell.length_b   96.110
_cell.length_c   141.190
_cell.angle_alpha   90.00
_cell.angle_beta   90.00
_cell.angle_gamma   120.00
#
_symmetry.space_group_name_H-M   'P 32 2 1'
#
loop_
_entity.id
_entity.type
_entity.pdbx_description
1 polymer Ficolin-2
2 branched 2-acetamido-2-deoxy-beta-D-glucopyranose-(1-4)-2-acetamido-2-deoxy-beta-D-glucopyranose
3 non-polymer 'ACETATE ION'
4 non-polymer 'CALCIUM ION'
5 non-polymer 'SULFATE ION'
6 water water
#
_entity_poly.entity_id   1
_entity_poly.type   'polypeptide(L)'
_entity_poly.pdbx_seq_one_letter_code
;NPCLTGPRTCKDLLDRGHFLSGWHTIYLPDCRPLTVLCDMDTDGGGWTVFQRRVDGSVDFYRDWATYKQGFGSRLGEFWL
GNDNIHALTAQGTSELRVDLVDFEDNYQFAKYRSFKVADEAEKYNLVLGAFVEGSAGDSLTFHNNQSFSTKDQDNDLNTG
NCAVMFQGAWWYKNCHVSNLNGRYLRGTHGSFANGINWKSGKGYNYSYKVSEMKVRPA
;
_entity_poly.pdbx_strand_id   B,A,C
#
# COMPACT_ATOMS: atom_id res chain seq x y z
N ASN A 1 25.03 -18.60 -4.62
CA ASN A 1 25.38 -17.14 -4.62
C ASN A 1 24.58 -16.27 -3.59
N PRO A 2 23.24 -16.12 -3.78
CA PRO A 2 22.41 -15.03 -3.24
C PRO A 2 22.68 -14.68 -1.80
N CYS A 3 22.72 -15.70 -0.95
CA CYS A 3 22.95 -15.46 0.46
C CYS A 3 24.18 -14.55 0.73
N LEU A 4 25.34 -14.97 0.25
CA LEU A 4 26.59 -14.26 0.53
C LEU A 4 26.75 -12.88 -0.15
N THR A 5 26.20 -12.68 -1.33
CA THR A 5 26.30 -11.38 -1.99
C THR A 5 25.21 -10.44 -1.55
N GLY A 6 24.22 -11.04 -0.95
CA GLY A 6 23.02 -10.32 -0.65
C GLY A 6 22.98 -9.58 0.69
N PRO A 7 22.04 -8.65 0.79
CA PRO A 7 21.91 -7.80 1.96
C PRO A 7 21.43 -8.64 3.12
N ARG A 8 22.01 -8.40 4.29
CA ARG A 8 21.61 -9.10 5.53
C ARG A 8 20.59 -8.30 6.37
N THR A 9 20.53 -7.00 6.15
CA THR A 9 19.67 -6.10 6.90
C THR A 9 19.21 -4.98 6.01
N CYS A 10 18.23 -4.26 6.52
CA CYS A 10 17.77 -3.04 5.91
C CYS A 10 18.90 -2.00 5.87
N LYS A 11 19.76 -1.99 6.89
CA LYS A 11 20.93 -1.07 6.92
C LYS A 11 21.88 -1.29 5.73
N ASP A 12 22.17 -2.55 5.42
CA ASP A 12 22.92 -2.88 4.19
C ASP A 12 22.24 -2.32 2.95
N LEU A 13 20.91 -2.42 2.89
CA LEU A 13 20.19 -1.98 1.69
C LEU A 13 20.30 -0.48 1.54
N LEU A 14 20.26 0.22 2.66
CA LEU A 14 20.40 1.67 2.63
C LEU A 14 21.79 2.04 2.16
N ASP A 15 22.80 1.32 2.68
CA ASP A 15 24.20 1.54 2.29
C ASP A 15 24.39 1.29 0.79
N ARG A 16 23.58 0.44 0.18
CA ARG A 16 23.64 0.17 -1.29
C ARG A 16 22.75 1.09 -2.12
N GLY A 17 22.22 2.16 -1.54
CA GLY A 17 21.47 3.15 -2.30
C GLY A 17 19.97 2.96 -2.39
N HIS A 18 19.36 2.10 -1.55
CA HIS A 18 17.86 2.00 -1.53
C HIS A 18 17.29 2.99 -0.52
N PHE A 19 16.82 4.12 -1.00
CA PHE A 19 16.48 5.25 -0.11
C PHE A 19 14.99 5.41 0.15
N LEU A 20 14.16 4.62 -0.50
CA LEU A 20 12.75 4.60 -0.25
C LEU A 20 12.40 3.46 0.70
N SER A 21 11.54 3.76 1.68
CA SER A 21 10.98 2.72 2.49
C SER A 21 10.14 1.78 1.66
N GLY A 22 10.13 0.51 2.06
CA GLY A 22 9.44 -0.53 1.25
C GLY A 22 9.94 -1.93 1.56
N TRP A 23 9.30 -2.90 0.93
CA TRP A 23 9.55 -4.32 1.20
C TRP A 23 10.70 -4.80 0.36
N HIS A 24 11.71 -5.34 1.01
CA HIS A 24 12.86 -5.90 0.29
C HIS A 24 13.19 -7.28 0.85
N THR A 25 13.85 -8.07 0.02
CA THR A 25 14.38 -9.34 0.49
C THR A 25 15.70 -9.15 1.21
N ILE A 26 15.85 -9.71 2.43
CA ILE A 26 17.15 -9.82 3.08
C ILE A 26 17.46 -11.30 3.29
N TYR A 27 18.68 -11.57 3.69
CA TYR A 27 19.12 -12.95 3.97
C TYR A 27 19.48 -13.06 5.45
N LEU A 28 18.73 -13.90 6.14
CA LEU A 28 18.97 -14.18 7.57
C LEU A 28 20.31 -14.91 7.80
N PRO A 29 20.79 -14.95 9.06
CA PRO A 29 22.03 -15.67 9.40
C PRO A 29 22.13 -17.13 8.85
N ASP A 30 21.03 -17.88 8.90
CA ASP A 30 20.97 -19.25 8.33
C ASP A 30 20.72 -19.29 6.81
N CYS A 31 20.92 -18.14 6.18
CA CYS A 31 20.79 -17.95 4.75
C CYS A 31 19.40 -18.04 4.20
N ARG A 32 18.42 -18.04 5.09
CA ARG A 32 17.02 -18.03 4.67
C ARG A 32 16.57 -16.62 4.21
N PRO A 33 15.96 -16.55 3.03
CA PRO A 33 15.52 -15.28 2.51
C PRO A 33 14.23 -14.90 3.24
N LEU A 34 14.09 -13.62 3.55
CA LEU A 34 12.93 -13.08 4.24
C LEU A 34 12.65 -11.73 3.65
N THR A 35 11.40 -11.53 3.26
CA THR A 35 10.98 -10.24 2.70
C THR A 35 10.48 -9.35 3.84
N VAL A 36 11.15 -8.23 4.07
CA VAL A 36 10.89 -7.37 5.20
C VAL A 36 10.63 -5.94 4.76
N LEU A 37 10.00 -5.19 5.68
CA LEU A 37 9.72 -3.79 5.46
C LEU A 37 10.88 -2.96 6.04
N CYS A 38 11.57 -2.26 5.16
CA CYS A 38 12.66 -1.37 5.54
C CYS A 38 12.12 0.03 5.68
N ASP A 39 12.44 0.67 6.80
CA ASP A 39 12.20 2.07 6.96
C ASP A 39 13.54 2.84 6.76
N MET A 40 13.58 3.55 5.64
CA MET A 40 14.77 4.30 5.18
C MET A 40 14.65 5.80 5.43
N ASP A 41 13.58 6.21 6.08
CA ASP A 41 13.11 7.57 6.11
C ASP A 41 13.24 8.18 7.54
N THR A 42 12.92 7.40 8.58
CA THR A 42 13.04 7.76 9.99
C THR A 42 14.44 7.61 10.60
N ASP A 43 14.89 8.69 11.22
CA ASP A 43 16.02 8.70 12.12
C ASP A 43 17.24 8.00 11.54
N GLY A 44 17.66 8.48 10.38
CA GLY A 44 18.86 7.92 9.69
C GLY A 44 18.58 6.76 8.77
N GLY A 45 17.43 6.13 8.91
CA GLY A 45 17.06 5.01 8.04
C GLY A 45 17.76 3.71 8.36
N GLY A 46 17.48 2.69 7.56
CA GLY A 46 18.06 1.36 7.78
C GLY A 46 17.42 0.49 8.82
N TRP A 47 16.17 0.79 9.20
CA TRP A 47 15.41 0.03 10.20
C TRP A 47 14.61 -1.07 9.55
N THR A 48 14.61 -2.26 10.17
CA THR A 48 13.77 -3.36 9.75
C THR A 48 12.51 -3.33 10.64
N VAL A 49 11.35 -3.13 10.01
CA VAL A 49 10.14 -3.00 10.74
C VAL A 49 9.54 -4.37 11.00
N PHE A 50 9.28 -4.70 12.26
CA PHE A 50 8.67 -6.01 12.60
C PHE A 50 7.22 -5.96 13.07
N GLN A 51 6.71 -4.79 13.39
CA GLN A 51 5.29 -4.66 13.72
C GLN A 51 4.79 -3.36 13.11
N ARG A 52 3.59 -3.42 12.59
CA ARG A 52 3.00 -2.20 12.00
C ARG A 52 1.49 -2.26 12.17
N ARG A 53 0.95 -1.21 12.77
CA ARG A 53 -0.52 -0.95 12.79
C ARG A 53 -0.77 0.40 12.11
N VAL A 54 -1.83 0.48 11.29
CA VAL A 54 -2.13 1.72 10.54
C VAL A 54 -3.64 1.99 10.31
N ASP A 55 -4.49 0.97 10.35
CA ASP A 55 -5.88 1.20 10.02
C ASP A 55 -6.83 0.19 10.61
N GLY A 56 -6.34 -0.84 11.31
CA GLY A 56 -7.28 -1.81 11.93
C GLY A 56 -7.80 -2.89 11.01
N SER A 57 -7.19 -3.04 9.85
CA SER A 57 -7.67 -4.06 8.88
C SER A 57 -7.33 -5.50 9.30
N VAL A 58 -6.30 -5.70 10.14
CA VAL A 58 -5.81 -7.01 10.52
C VAL A 58 -6.07 -7.22 12.01
N ASP A 59 -6.60 -8.39 12.31
CA ASP A 59 -6.87 -8.91 13.65
C ASP A 59 -5.53 -9.36 14.32
N PHE A 60 -5.17 -8.70 15.41
CA PHE A 60 -3.93 -9.00 16.15
C PHE A 60 -4.21 -9.90 17.40
N TYR A 61 -5.47 -10.22 17.65
CA TYR A 61 -5.83 -11.08 18.79
C TYR A 61 -5.67 -12.51 18.38
N ARG A 62 -4.42 -12.97 18.23
CA ARG A 62 -4.15 -14.27 17.66
C ARG A 62 -3.39 -15.18 18.59
N ASP A 63 -3.32 -16.43 18.17
CA ASP A 63 -2.78 -17.51 19.00
C ASP A 63 -1.27 -17.66 18.87
N TRP A 64 -0.70 -18.53 19.68
CA TRP A 64 0.77 -18.69 19.74
C TRP A 64 1.41 -19.06 18.39
N ALA A 65 0.87 -20.09 17.72
CA ALA A 65 1.32 -20.52 16.36
C ALA A 65 1.27 -19.43 15.29
N THR A 66 0.29 -18.55 15.39
CA THR A 66 0.17 -17.45 14.41
C THR A 66 1.20 -16.36 14.69
N TYR A 67 1.43 -16.02 15.95
CA TYR A 67 2.49 -15.05 16.32
C TYR A 67 3.88 -15.59 16.00
N LYS A 68 4.05 -16.89 16.14
CA LYS A 68 5.31 -17.55 15.85
C LYS A 68 5.69 -17.43 14.39
N GLN A 69 4.73 -17.68 13.51
CA GLN A 69 5.04 -17.61 12.07
C GLN A 69 4.86 -16.25 11.43
N GLY A 70 4.14 -15.34 12.07
CA GLY A 70 3.92 -13.99 11.47
C GLY A 70 2.60 -13.98 10.73
N PHE A 71 2.00 -12.79 10.58
CA PHE A 71 0.69 -12.67 10.00
C PHE A 71 0.47 -11.23 9.60
N GLY A 72 -0.54 -11.07 8.76
CA GLY A 72 -0.99 -9.76 8.22
C GLY A 72 -0.64 -9.61 6.75
N SER A 73 -0.35 -8.38 6.36
CA SER A 73 -0.25 -8.04 5.00
C SER A 73 0.83 -7.00 4.73
N ARG A 74 1.59 -7.22 3.69
CA ARG A 74 2.58 -6.23 3.26
C ARG A 74 1.97 -4.88 2.79
N LEU A 75 0.70 -4.90 2.47
CA LEU A 75 -0.01 -3.70 2.09
C LEU A 75 -0.38 -2.85 3.27
N GLY A 76 -0.25 -3.37 4.49
CA GLY A 76 -0.73 -2.65 5.63
C GLY A 76 -0.14 -3.08 6.96
N GLU A 77 -0.90 -3.88 7.69
CA GLU A 77 -0.57 -4.21 9.03
C GLU A 77 0.00 -5.62 9.10
N PHE A 78 0.95 -5.80 9.99
CA PHE A 78 1.55 -7.11 10.18
C PHE A 78 2.32 -7.23 11.49
N TRP A 79 2.50 -8.50 11.86
CA TRP A 79 3.55 -8.94 12.74
C TRP A 79 4.45 -9.89 12.01
N LEU A 80 5.74 -9.64 12.06
CA LEU A 80 6.67 -10.37 11.15
C LEU A 80 6.85 -11.81 11.54
N GLY A 81 6.63 -12.11 12.81
CA GLY A 81 6.71 -13.47 13.33
C GLY A 81 7.85 -13.58 14.40
N ASN A 82 7.55 -14.26 15.47
CA ASN A 82 8.54 -14.40 16.56
C ASN A 82 9.79 -15.19 16.17
N ASP A 83 9.68 -16.21 15.33
CA ASP A 83 10.90 -16.89 14.85
C ASP A 83 11.74 -15.96 14.00
N ASN A 84 11.12 -15.16 13.13
CA ASN A 84 11.89 -14.19 12.36
C ASN A 84 12.52 -13.14 13.22
N ILE A 85 11.77 -12.67 14.22
CA ILE A 85 12.28 -11.58 15.07
C ILE A 85 13.49 -12.09 15.90
N HIS A 86 13.36 -13.30 16.40
CA HIS A 86 14.50 -13.97 17.06
C HIS A 86 15.70 -14.03 16.11
N ALA A 87 15.48 -14.58 14.92
CA ALA A 87 16.59 -14.72 13.94
C ALA A 87 17.24 -13.36 13.61
N LEU A 88 16.44 -12.29 13.51
CA LEU A 88 16.95 -10.97 13.21
C LEU A 88 17.78 -10.40 14.35
N THR A 89 17.49 -10.76 15.58
CA THR A 89 18.09 -10.07 16.68
C THR A 89 19.07 -10.93 17.42
N ALA A 90 19.16 -12.19 17.04
CA ALA A 90 19.97 -13.16 17.79
C ALA A 90 21.47 -12.89 17.80
N GLN A 91 21.98 -12.36 16.71
CA GLN A 91 23.41 -12.20 16.51
C GLN A 91 23.74 -10.73 16.52
N GLY A 92 24.45 -10.28 17.53
CA GLY A 92 24.86 -8.87 17.61
C GLY A 92 23.87 -8.01 18.40
N THR A 93 23.95 -6.70 18.17
CA THR A 93 23.20 -5.79 18.99
C THR A 93 22.37 -4.97 18.07
N SER A 94 21.07 -5.10 18.22
CA SER A 94 20.12 -4.27 17.48
C SER A 94 19.49 -3.29 18.43
N GLU A 95 19.50 -2.03 18.06
CA GLU A 95 18.67 -1.01 18.71
C GLU A 95 17.19 -1.11 18.22
N LEU A 96 16.27 -0.65 19.09
CA LEU A 96 14.82 -0.70 18.92
C LEU A 96 14.30 0.70 18.92
N ARG A 97 13.47 0.96 17.92
CA ARG A 97 12.74 2.20 17.90
C ARG A 97 11.28 1.88 17.79
N VAL A 98 10.48 2.58 18.56
CA VAL A 98 9.03 2.48 18.49
C VAL A 98 8.46 3.79 18.07
N ASP A 99 7.66 3.83 16.99
CA ASP A 99 7.06 5.10 16.49
C ASP A 99 5.56 5.01 16.64
N LEU A 100 4.96 6.04 17.22
CA LEU A 100 3.48 6.08 17.50
C LEU A 100 2.90 7.39 16.99
N VAL A 101 1.75 7.31 16.32
CA VAL A 101 1.08 8.52 15.83
C VAL A 101 -0.35 8.48 16.32
N ASP A 102 -0.82 9.61 16.91
CA ASP A 102 -2.20 9.68 17.36
C ASP A 102 -3.12 10.20 16.27
N PHE A 103 -4.42 10.32 16.56
CA PHE A 103 -5.39 10.70 15.52
C PHE A 103 -5.40 12.22 15.31
N GLU A 104 -4.68 12.97 16.13
CA GLU A 104 -4.47 14.39 15.93
C GLU A 104 -3.12 14.71 15.26
N ASP A 105 -2.51 13.71 14.66
CA ASP A 105 -1.23 13.93 13.98
C ASP A 105 -0.04 14.26 14.88
N ASN A 106 -0.08 13.91 16.17
CA ASN A 106 1.10 14.03 16.98
C ASN A 106 1.91 12.73 16.83
N TYR A 107 3.20 12.90 16.61
CA TYR A 107 4.18 11.86 16.53
C TYR A 107 4.92 11.73 17.86
N GLN A 108 5.03 10.52 18.37
CA GLN A 108 5.86 10.26 19.53
C GLN A 108 6.72 9.03 19.26
N PHE A 109 7.79 8.91 19.99
CA PHE A 109 8.65 7.74 19.80
C PHE A 109 9.34 7.38 21.06
N ALA A 110 9.93 6.18 21.00
CA ALA A 110 10.74 5.69 22.07
C ALA A 110 11.86 4.90 21.44
N LYS A 111 13.06 5.05 21.98
CA LYS A 111 14.25 4.36 21.50
C LYS A 111 15.00 3.67 22.63
N TYR A 112 15.46 2.44 22.36
CA TYR A 112 16.18 1.59 23.34
C TYR A 112 17.47 1.12 22.74
N ARG A 113 18.48 0.97 23.59
CA ARG A 113 19.81 0.79 23.03
C ARG A 113 20.08 -0.66 22.53
N SER A 114 19.36 -1.64 23.05
CA SER A 114 19.42 -2.99 22.54
C SER A 114 18.10 -3.67 22.72
N PHE A 115 17.88 -4.67 21.89
CA PHE A 115 16.62 -5.41 21.85
C PHE A 115 16.87 -6.78 21.26
N LYS A 116 16.48 -7.80 22.00
CA LYS A 116 16.73 -9.17 21.57
C LYS A 116 15.60 -10.01 22.08
N VAL A 117 15.14 -10.93 21.25
CA VAL A 117 14.13 -11.88 21.64
C VAL A 117 14.71 -13.24 21.54
N ALA A 118 14.55 -14.03 22.59
CA ALA A 118 15.12 -15.39 22.57
C ALA A 118 14.23 -16.31 21.68
N ASP A 119 14.59 -17.57 21.60
CA ASP A 119 13.94 -18.54 20.68
C ASP A 119 12.70 -19.13 21.32
N GLU A 120 11.99 -19.96 20.59
CA GLU A 120 10.73 -20.50 21.04
C GLU A 120 10.82 -21.23 22.36
N ALA A 121 11.92 -21.95 22.56
CA ALA A 121 12.06 -22.75 23.79
C ALA A 121 12.18 -21.87 25.01
N GLU A 122 12.69 -20.66 24.84
CA GLU A 122 12.74 -19.67 25.90
C GLU A 122 11.48 -18.71 25.86
N LYS A 123 10.49 -19.11 25.09
CA LYS A 123 9.22 -18.36 24.95
C LYS A 123 9.42 -16.91 24.46
N TYR A 124 10.41 -16.73 23.59
CA TYR A 124 10.67 -15.45 22.95
C TYR A 124 10.84 -14.41 24.00
N ASN A 125 11.51 -14.78 25.07
CA ASN A 125 11.93 -13.86 26.16
C ASN A 125 12.52 -12.54 25.63
N LEU A 126 12.07 -11.42 26.18
CA LEU A 126 12.56 -10.11 25.81
C LEU A 126 13.79 -9.79 26.64
N VAL A 127 14.87 -9.45 25.96
CA VAL A 127 16.00 -8.84 26.58
C VAL A 127 16.19 -7.42 25.98
N LEU A 128 15.94 -6.42 26.82
CA LEU A 128 15.87 -5.02 26.40
C LEU A 128 16.98 -4.19 27.11
N GLY A 129 17.68 -3.40 26.33
CA GLY A 129 18.68 -2.49 26.88
C GLY A 129 18.01 -1.20 27.38
N ALA A 130 18.86 -0.28 27.80
CA ALA A 130 18.44 0.97 28.33
C ALA A 130 17.56 1.83 27.40
N PHE A 131 16.59 2.47 28.02
CA PHE A 131 15.92 3.60 27.43
C PHE A 131 16.93 4.69 27.12
N VAL A 132 16.92 5.15 25.87
CA VAL A 132 17.83 6.18 25.40
C VAL A 132 17.14 7.56 25.41
N GLU A 133 16.02 7.67 24.71
CA GLU A 133 15.23 8.88 24.63
C GLU A 133 13.89 8.58 24.00
N GLY A 134 12.96 9.51 24.15
CA GLY A 134 11.73 9.47 23.39
C GLY A 134 10.59 10.22 23.99
N SER A 135 9.90 10.97 23.16
CA SER A 135 8.75 11.75 23.56
C SER A 135 7.59 10.88 24.03
N ALA A 136 7.55 9.59 23.65
CA ALA A 136 6.45 8.70 24.13
C ALA A 136 6.67 8.26 25.58
N GLY A 137 7.87 8.53 26.10
CA GLY A 137 8.29 8.00 27.41
C GLY A 137 8.54 6.49 27.37
N ASP A 138 9.11 5.98 28.46
CA ASP A 138 9.52 4.62 28.54
C ASP A 138 8.38 3.73 29.09
N SER A 139 7.70 2.99 28.21
CA SER A 139 6.72 2.01 28.68
C SER A 139 7.08 0.61 28.16
N LEU A 140 8.36 0.31 28.06
CA LEU A 140 8.79 -1.05 27.73
C LEU A 140 9.78 -1.66 28.73
N THR A 141 10.58 -0.83 29.39
CA THR A 141 11.50 -1.35 30.42
C THR A 141 10.79 -2.25 31.45
N PHE A 142 9.60 -1.86 31.84
CA PHE A 142 8.73 -2.68 32.73
C PHE A 142 8.60 -4.12 32.23
N HIS A 143 8.59 -4.34 30.91
CA HIS A 143 8.45 -5.68 30.35
C HIS A 143 9.74 -6.46 30.15
N ASN A 144 10.86 -5.89 30.58
CA ASN A 144 12.11 -6.58 30.36
C ASN A 144 12.15 -7.96 30.97
N ASN A 145 12.74 -8.92 30.27
CA ASN A 145 12.94 -10.31 30.83
C ASN A 145 11.62 -11.02 31.14
N GLN A 146 10.61 -10.74 30.32
CA GLN A 146 9.36 -11.50 30.34
C GLN A 146 9.23 -12.32 29.08
N SER A 147 8.67 -13.48 29.25
CA SER A 147 8.21 -14.29 28.14
C SER A 147 7.10 -13.58 27.37
N PHE A 148 6.97 -13.95 26.10
CA PHE A 148 5.87 -13.54 25.26
C PHE A 148 4.69 -14.41 25.61
N SER A 149 3.51 -13.82 25.56
CA SER A 149 2.25 -14.53 25.91
C SER A 149 1.20 -14.21 24.86
N THR A 150 0.39 -15.22 24.57
CA THR A 150 -0.78 -15.07 23.68
C THR A 150 -1.99 -15.65 24.46
N LYS A 151 -3.18 -15.42 23.97
CA LYS A 151 -4.36 -15.90 24.66
C LYS A 151 -4.39 -17.38 24.97
N ASP A 152 -3.79 -18.21 24.10
CA ASP A 152 -3.76 -19.69 24.32
C ASP A 152 -2.46 -20.13 24.98
N GLN A 153 -1.59 -19.20 25.35
CA GLN A 153 -0.38 -19.59 26.00
C GLN A 153 0.06 -18.49 26.92
N ASP A 154 -0.38 -18.65 28.15
CA ASP A 154 -0.18 -17.69 29.23
C ASP A 154 1.15 -17.99 29.90
N ASN A 155 2.11 -17.10 29.71
CA ASN A 155 3.38 -17.21 30.37
C ASN A 155 3.68 -15.97 31.16
N ASP A 156 2.65 -15.21 31.53
CA ASP A 156 2.89 -13.92 32.20
C ASP A 156 3.06 -14.15 33.66
N LEU A 157 3.15 -13.08 34.44
CA LEU A 157 3.28 -13.20 35.95
C LEU A 157 1.97 -12.84 36.70
N ASN A 158 0.85 -12.89 36.01
CA ASN A 158 -0.46 -12.57 36.58
C ASN A 158 -1.14 -13.89 36.90
N THR A 159 -1.94 -13.86 37.96
CA THR A 159 -2.72 -15.03 38.34
C THR A 159 -3.77 -15.34 37.25
N GLY A 160 -4.25 -14.33 36.52
CA GLY A 160 -5.08 -14.58 35.35
C GLY A 160 -4.30 -14.50 34.04
N ASN A 161 -5.02 -14.27 32.96
CA ASN A 161 -4.50 -14.30 31.61
C ASN A 161 -4.50 -12.90 30.98
N CYS A 162 -3.35 -12.24 31.00
CA CYS A 162 -3.19 -10.88 30.52
C CYS A 162 -3.54 -10.67 29.08
N ALA A 163 -3.15 -11.63 28.26
CA ALA A 163 -3.47 -11.59 26.81
C ALA A 163 -4.98 -11.54 26.56
N VAL A 164 -5.73 -12.25 27.37
CA VAL A 164 -7.22 -12.21 27.26
C VAL A 164 -7.79 -10.99 27.90
N MET A 165 -7.30 -10.65 29.08
CA MET A 165 -7.81 -9.47 29.77
C MET A 165 -7.57 -8.22 28.95
N PHE A 166 -6.43 -8.14 28.24
CA PHE A 166 -6.05 -6.96 27.46
C PHE A 166 -6.07 -7.08 25.95
N GLN A 167 -6.67 -8.17 25.49
CA GLN A 167 -6.95 -8.41 24.09
C GLN A 167 -5.77 -8.16 23.16
N GLY A 168 -4.66 -8.78 23.52
CA GLY A 168 -3.43 -8.66 22.74
C GLY A 168 -2.50 -9.84 22.83
N ALA A 169 -1.24 -9.56 22.53
CA ALA A 169 -0.14 -10.53 22.67
C ALA A 169 1.12 -9.72 22.89
N TRP A 170 1.86 -10.02 23.95
CA TRP A 170 2.95 -9.14 24.40
C TRP A 170 3.80 -9.90 25.40
N TRP A 171 4.82 -9.20 25.84
CA TRP A 171 5.67 -9.68 26.91
C TRP A 171 5.09 -9.22 28.26
N TYR A 172 3.88 -9.71 28.51
CA TYR A 172 3.10 -9.29 29.64
C TYR A 172 3.76 -9.72 30.93
N LYS A 173 3.63 -8.87 31.96
CA LYS A 173 4.08 -9.20 33.30
C LYS A 173 2.86 -9.38 34.20
N ASN A 174 2.47 -8.36 34.91
CA ASN A 174 1.28 -8.36 35.76
C ASN A 174 0.46 -7.01 35.76
N CYS A 175 0.06 -6.42 34.63
CA CYS A 175 0.16 -7.00 33.26
C CYS A 175 0.97 -6.19 32.29
N HIS A 176 0.64 -4.89 32.16
CA HIS A 176 1.33 -4.11 31.18
C HIS A 176 1.31 -2.64 31.45
N VAL A 177 2.32 -2.03 30.87
CA VAL A 177 2.29 -0.60 30.52
C VAL A 177 2.42 -0.31 29.02
N SER A 178 2.63 -1.32 28.19
CA SER A 178 2.39 -1.13 26.78
C SER A 178 1.67 -2.34 26.22
N ASN A 179 0.94 -2.14 25.13
CA ASN A 179 0.10 -3.17 24.57
C ASN A 179 -0.13 -2.93 23.08
N LEU A 180 0.95 -2.86 22.33
CA LEU A 180 0.89 -2.40 20.93
C LEU A 180 0.27 -3.36 19.96
N ASN A 181 0.10 -4.62 20.38
CA ASN A 181 -0.68 -5.63 19.61
C ASN A 181 -2.13 -5.77 20.12
N GLY A 182 -2.58 -4.78 20.84
CA GLY A 182 -3.95 -4.69 21.29
C GLY A 182 -4.95 -4.35 20.22
N ARG A 183 -6.22 -4.11 20.61
CA ARG A 183 -7.25 -3.90 19.62
C ARG A 183 -7.13 -2.52 19.03
N TYR A 184 -7.48 -2.40 17.74
CA TYR A 184 -7.44 -1.11 17.04
C TYR A 184 -8.71 -0.32 17.42
N LEU A 185 -8.67 0.35 18.56
CA LEU A 185 -9.86 0.97 19.13
C LEU A 185 -10.05 2.45 18.74
N ARG A 186 -9.12 3.04 18.01
CA ARG A 186 -9.33 4.35 17.37
C ARG A 186 -9.48 5.48 18.35
N GLY A 187 -8.39 5.93 18.95
CA GLY A 187 -8.46 7.09 19.84
C GLY A 187 -8.93 6.70 21.23
N THR A 188 -9.74 7.56 21.83
CA THR A 188 -10.12 7.35 23.18
C THR A 188 -11.06 6.13 23.19
N HIS A 189 -10.97 5.34 24.26
CA HIS A 189 -11.87 4.21 24.50
C HIS A 189 -12.18 4.06 25.99
N GLY A 190 -13.44 3.66 26.29
CA GLY A 190 -13.91 3.40 27.67
C GLY A 190 -13.41 2.08 28.24
N SER A 191 -13.22 1.10 27.37
CA SER A 191 -12.65 -0.15 27.82
C SER A 191 -11.20 0.08 28.32
N PHE A 192 -10.81 -0.69 29.33
CA PHE A 192 -9.57 -0.47 30.04
C PHE A 192 -8.36 -1.18 29.43
N ALA A 193 -7.44 -0.40 28.86
CA ALA A 193 -6.08 -0.87 28.53
C ALA A 193 -6.01 -2.01 27.53
N ASN A 194 -7.03 -2.14 26.69
CA ASN A 194 -7.08 -3.22 25.73
C ASN A 194 -6.91 -2.73 24.31
N GLY A 195 -6.45 -1.49 24.15
CA GLY A 195 -6.15 -0.94 22.82
C GLY A 195 -4.66 -0.92 22.51
N ILE A 196 -4.31 -0.18 21.46
CA ILE A 196 -2.93 0.03 21.12
C ILE A 196 -2.41 1.14 22.06
N ASN A 197 -1.98 0.72 23.24
CA ASN A 197 -1.68 1.62 24.37
C ASN A 197 -0.21 1.68 24.74
N TRP A 198 0.23 2.88 25.11
CA TRP A 198 1.56 3.12 25.65
C TRP A 198 1.35 4.09 26.82
N LYS A 199 1.43 3.55 28.00
CA LYS A 199 0.97 4.24 29.19
C LYS A 199 1.56 5.65 29.35
N SER A 200 2.88 5.75 29.24
CA SER A 200 3.58 7.00 29.40
C SER A 200 3.27 7.97 28.21
N GLY A 201 2.71 7.47 27.11
CA GLY A 201 2.43 8.31 25.95
C GLY A 201 1.04 8.89 26.09
N LYS A 202 0.02 8.17 25.65
CA LYS A 202 -1.35 8.63 25.74
C LYS A 202 -2.18 7.88 26.79
N GLY A 203 -1.58 6.90 27.46
CA GLY A 203 -2.28 6.25 28.57
C GLY A 203 -3.09 4.98 28.23
N TYR A 204 -3.88 4.53 29.17
CA TYR A 204 -4.56 3.25 29.13
C TYR A 204 -5.93 3.29 28.45
N ASN A 205 -6.32 4.50 28.02
CA ASN A 205 -7.64 4.70 27.35
C ASN A 205 -7.53 5.41 26.04
N TYR A 206 -6.38 5.29 25.39
CA TYR A 206 -6.16 5.90 24.07
C TYR A 206 -5.35 4.94 23.17
N SER A 207 -5.95 4.56 22.05
CA SER A 207 -5.40 3.68 21.10
C SER A 207 -4.87 4.46 19.92
N TYR A 208 -3.56 4.35 19.67
CA TYR A 208 -2.92 5.11 18.60
C TYR A 208 -3.41 4.71 17.22
N LYS A 209 -3.21 5.63 16.29
CA LYS A 209 -3.54 5.41 14.89
C LYS A 209 -2.50 4.56 14.23
N VAL A 210 -1.25 4.87 14.50
CA VAL A 210 -0.15 4.18 13.87
C VAL A 210 0.78 3.71 14.96
N SER A 211 1.28 2.48 14.77
CA SER A 211 2.30 1.91 15.62
C SER A 211 3.32 1.23 14.70
N GLU A 212 4.59 1.42 14.94
CA GLU A 212 5.65 0.71 14.25
C GLU A 212 6.75 0.37 15.19
N MET A 213 7.15 -0.89 15.18
CA MET A 213 8.29 -1.31 15.98
C MET A 213 9.34 -1.78 15.01
N LYS A 214 10.57 -1.31 15.19
CA LYS A 214 11.61 -1.53 14.23
C LYS A 214 13.00 -1.65 14.87
N VAL A 215 13.91 -2.38 14.19
CA VAL A 215 15.27 -2.60 14.70
C VAL A 215 16.38 -2.28 13.66
N ARG A 216 17.55 -1.97 14.16
CA ARG A 216 18.69 -1.62 13.31
C ARG A 216 19.96 -2.08 14.05
N PRO A 217 20.93 -2.66 13.35
CA PRO A 217 22.20 -2.97 14.04
C PRO A 217 22.86 -1.75 14.69
N ALA A 218 23.23 -1.91 15.95
CA ALA A 218 23.96 -0.90 16.67
C ALA A 218 25.09 -1.64 17.41
N PRO B 2 20.56 4.36 -24.21
CA PRO B 2 19.21 3.85 -23.97
C PRO B 2 19.12 2.33 -24.08
N CYS B 3 18.58 1.71 -23.01
CA CYS B 3 18.59 0.26 -22.84
C CYS B 3 17.71 -0.50 -23.89
N LEU B 4 18.40 -1.33 -24.68
CA LEU B 4 17.80 -2.36 -25.57
C LEU B 4 17.50 -3.72 -24.90
N THR B 5 18.04 -3.98 -23.70
CA THR B 5 17.91 -5.31 -23.06
C THR B 5 16.71 -5.51 -22.07
N GLY B 6 16.15 -4.40 -21.56
CA GLY B 6 15.02 -4.43 -20.60
C GLY B 6 14.10 -3.21 -20.76
N PRO B 7 12.99 -3.15 -19.98
CA PRO B 7 12.11 -1.97 -20.08
C PRO B 7 12.75 -0.67 -19.60
N ARG B 8 12.62 0.38 -20.41
CA ARG B 8 13.24 1.69 -20.11
C ARG B 8 12.28 2.63 -19.35
N THR B 9 10.98 2.36 -19.48
CA THR B 9 9.98 3.23 -18.88
C THR B 9 8.81 2.42 -18.49
N CYS B 10 7.93 3.07 -17.74
CA CYS B 10 6.68 2.51 -17.39
C CYS B 10 5.82 2.26 -18.64
N LYS B 11 5.97 3.10 -19.67
CA LYS B 11 5.30 2.88 -20.95
C LYS B 11 5.69 1.56 -21.62
N ASP B 12 6.99 1.25 -21.65
CA ASP B 12 7.43 -0.07 -22.12
C ASP B 12 6.85 -1.21 -21.33
N LEU B 13 6.73 -1.04 -20.01
CA LEU B 13 6.15 -2.11 -19.20
C LEU B 13 4.70 -2.32 -19.53
N LEU B 14 3.98 -1.23 -19.77
CA LEU B 14 2.58 -1.31 -20.15
C LEU B 14 2.45 -2.01 -21.49
N ASP B 15 3.29 -1.64 -22.45
CA ASP B 15 3.30 -2.28 -23.78
C ASP B 15 3.63 -3.80 -23.73
N ARG B 16 4.39 -4.23 -22.72
CA ARG B 16 4.67 -5.66 -22.49
C ARG B 16 3.63 -6.43 -21.63
N GLY B 17 2.51 -5.81 -21.34
CA GLY B 17 1.44 -6.50 -20.61
C GLY B 17 1.46 -6.39 -19.09
N HIS B 18 2.16 -5.40 -18.53
CA HIS B 18 2.01 -5.07 -17.08
C HIS B 18 0.87 -4.05 -16.88
N PHE B 19 -0.31 -4.56 -16.58
CA PHE B 19 -1.48 -3.72 -16.64
C PHE B 19 -1.91 -3.12 -15.34
N LEU B 20 -1.31 -3.54 -14.25
CA LEU B 20 -1.63 -3.02 -12.94
C LEU B 20 -0.62 -1.93 -12.53
N SER B 21 -1.10 -0.85 -11.95
CA SER B 21 -0.19 0.14 -11.31
C SER B 21 0.55 -0.48 -10.11
N GLY B 22 1.74 0.02 -9.88
CA GLY B 22 2.60 -0.55 -8.88
C GLY B 22 4.06 -0.31 -9.13
N TRP B 23 4.86 -0.76 -8.18
CA TRP B 23 6.29 -0.55 -8.22
C TRP B 23 6.99 -1.62 -9.09
N HIS B 24 7.74 -1.18 -10.12
CA HIS B 24 8.46 -2.05 -11.05
C HIS B 24 9.86 -1.54 -11.27
N THR B 25 10.69 -2.44 -11.74
CA THR B 25 12.04 -2.07 -12.11
C THR B 25 12.12 -1.62 -13.56
N ILE B 26 12.75 -0.48 -13.80
CA ILE B 26 13.08 -0.05 -15.15
C ILE B 26 14.56 0.15 -15.30
N TYR B 27 15.01 0.30 -16.54
CA TYR B 27 16.44 0.54 -16.83
C TYR B 27 16.69 1.94 -17.37
N LEU B 28 17.38 2.75 -16.58
CA LEU B 28 17.79 4.09 -17.01
C LEU B 28 18.79 4.08 -18.21
N PRO B 29 18.99 5.23 -18.87
CA PRO B 29 19.92 5.32 -19.98
C PRO B 29 21.27 4.69 -19.65
N ASP B 30 21.66 3.67 -20.44
CA ASP B 30 22.91 2.95 -20.32
C ASP B 30 23.63 2.90 -18.93
N CYS B 31 23.27 2.02 -17.96
CA CYS B 31 22.16 1.04 -17.98
C CYS B 31 21.61 0.73 -16.51
N ARG B 32 21.44 1.76 -15.66
CA ARG B 32 21.20 1.54 -14.21
C ARG B 32 19.73 1.15 -13.90
N PRO B 33 19.53 0.08 -13.11
CA PRO B 33 18.17 -0.29 -12.70
C PRO B 33 17.63 0.68 -11.66
N LEU B 34 16.36 1.02 -11.77
CA LEU B 34 15.65 1.87 -10.79
C LEU B 34 14.22 1.35 -10.58
N THR B 35 13.82 1.19 -9.32
CA THR B 35 12.50 0.71 -8.98
C THR B 35 11.55 1.90 -8.81
N VAL B 36 10.54 1.96 -9.65
CA VAL B 36 9.67 3.14 -9.74
C VAL B 36 8.20 2.75 -9.67
N LEU B 37 7.38 3.74 -9.32
CA LEU B 37 5.93 3.59 -9.29
C LEU B 37 5.33 3.93 -10.69
N CYS B 38 4.76 2.94 -11.33
CA CYS B 38 4.08 3.05 -12.61
C CYS B 38 2.60 3.27 -12.40
N ASP B 39 2.08 4.33 -13.00
CA ASP B 39 0.64 4.56 -13.08
C ASP B 39 0.17 4.06 -14.46
N MET B 40 -0.50 2.90 -14.47
CA MET B 40 -0.96 2.20 -15.67
C MET B 40 -2.46 2.51 -16.00
N ASP B 41 -3.06 3.43 -15.24
CA ASP B 41 -4.51 3.78 -15.34
C ASP B 41 -4.67 5.14 -16.05
N THR B 42 -4.18 6.17 -15.39
CA THR B 42 -4.45 7.54 -15.77
C THR B 42 -4.01 7.86 -17.17
N ASP B 43 -4.95 8.38 -17.95
CA ASP B 43 -4.69 9.01 -19.22
C ASP B 43 -3.84 8.12 -20.12
N GLY B 44 -4.34 6.90 -20.35
CA GLY B 44 -3.65 5.90 -21.20
C GLY B 44 -2.70 4.96 -20.44
N GLY B 45 -2.23 5.38 -19.27
CA GLY B 45 -1.25 4.61 -18.53
C GLY B 45 0.17 4.82 -19.00
N GLY B 46 1.10 4.14 -18.34
CA GLY B 46 2.52 4.22 -18.71
C GLY B 46 3.28 5.39 -18.14
N TRP B 47 2.76 6.02 -17.08
CA TRP B 47 3.43 7.13 -16.39
C TRP B 47 4.34 6.63 -15.26
N THR B 48 5.53 7.20 -15.16
CA THR B 48 6.39 6.99 -14.05
C THR B 48 6.22 8.09 -13.02
N VAL B 49 5.81 7.72 -11.83
CA VAL B 49 5.46 8.71 -10.79
C VAL B 49 6.71 9.07 -9.95
N PHE B 50 7.04 10.35 -9.84
CA PHE B 50 8.20 10.79 -9.05
C PHE B 50 7.88 11.57 -7.79
N GLN B 51 6.63 11.96 -7.64
N GLN B 51 6.64 11.98 -7.64
CA GLN B 51 6.18 12.64 -6.45
CA GLN B 51 6.20 12.65 -6.42
C GLN B 51 4.77 12.18 -6.12
C GLN B 51 4.78 12.19 -6.12
N ARG B 52 4.51 11.95 -4.83
CA ARG B 52 3.22 11.49 -4.40
C ARG B 52 2.96 11.97 -2.99
N ARG B 53 1.84 12.70 -2.82
CA ARG B 53 1.26 13.07 -1.53
C ARG B 53 -0.13 12.50 -1.45
N VAL B 54 -0.49 11.93 -0.32
CA VAL B 54 -1.78 11.30 -0.18
C VAL B 54 -2.42 11.38 1.22
N ASP B 55 -1.63 11.59 2.26
CA ASP B 55 -2.18 11.52 3.63
C ASP B 55 -1.38 12.30 4.68
N GLY B 56 -0.25 12.89 4.31
CA GLY B 56 0.47 13.75 5.26
C GLY B 56 1.37 13.00 6.21
N SER B 57 1.60 11.72 5.93
CA SER B 57 2.41 10.87 6.78
C SER B 57 3.89 11.18 6.71
N VAL B 58 4.37 11.76 5.60
CA VAL B 58 5.80 12.02 5.40
C VAL B 58 6.05 13.53 5.41
N ASP B 59 7.12 13.90 6.09
CA ASP B 59 7.60 15.27 6.18
C ASP B 59 8.34 15.65 4.87
N PHE B 60 7.82 16.63 4.13
CA PHE B 60 8.44 17.11 2.88
C PHE B 60 9.27 18.39 3.05
N TYR B 61 9.31 18.89 4.28
CA TYR B 61 10.15 20.03 4.60
C TYR B 61 11.58 19.56 4.86
N ARG B 62 12.28 19.15 3.83
CA ARG B 62 13.59 18.51 3.98
C ARG B 62 14.70 19.25 3.30
N ASP B 63 15.90 18.80 3.60
CA ASP B 63 17.12 19.50 3.18
C ASP B 63 17.59 19.02 1.80
N TRP B 64 18.64 19.67 1.30
CA TRP B 64 19.14 19.45 -0.05
C TRP B 64 19.55 18.00 -0.30
N ALA B 65 20.38 17.47 0.59
CA ALA B 65 20.80 16.04 0.53
C ALA B 65 19.64 15.05 0.48
N THR B 66 18.58 15.34 1.22
CA THR B 66 17.44 14.41 1.28
C THR B 66 16.63 14.44 -0.02
N TYR B 67 16.41 15.65 -0.56
CA TYR B 67 15.78 15.81 -1.89
C TYR B 67 16.60 15.21 -3.05
N LYS B 68 17.90 15.23 -2.88
CA LYS B 68 18.82 14.70 -3.87
C LYS B 68 18.70 13.21 -3.97
N GLN B 69 18.68 12.56 -2.83
CA GLN B 69 18.63 11.08 -2.87
C GLN B 69 17.22 10.47 -2.93
N GLY B 70 16.21 11.23 -2.56
CA GLY B 70 14.85 10.70 -2.53
C GLY B 70 14.49 10.31 -1.12
N PHE B 71 13.20 10.29 -0.81
CA PHE B 71 12.74 9.99 0.53
C PHE B 71 11.30 9.61 0.51
N GLY B 72 10.85 9.04 1.64
CA GLY B 72 9.50 8.65 1.84
C GLY B 72 9.40 7.13 1.70
N SER B 73 8.25 6.66 1.21
CA SER B 73 7.91 5.29 1.27
C SER B 73 7.13 4.82 0.03
N ARG B 74 7.45 3.63 -0.43
CA ARG B 74 6.71 3.01 -1.52
C ARG B 74 5.22 2.75 -1.16
N LEU B 75 4.93 2.66 0.10
CA LEU B 75 3.60 2.40 0.61
C LEU B 75 2.73 3.66 0.69
N GLY B 76 3.31 4.82 0.43
CA GLY B 76 2.57 6.08 0.56
C GLY B 76 3.23 7.25 -0.17
N GLU B 77 3.83 8.14 0.58
CA GLU B 77 4.26 9.41 0.06
C GLU B 77 5.72 9.35 -0.19
N PHE B 78 6.17 9.97 -1.28
CA PHE B 78 7.57 10.01 -1.57
C PHE B 78 7.95 11.07 -2.58
N TRP B 79 9.25 11.37 -2.58
CA TRP B 79 9.95 12.07 -3.61
C TRP B 79 11.07 11.16 -4.11
N LEU B 80 11.11 10.88 -5.42
CA LEU B 80 11.95 9.86 -5.97
C LEU B 80 13.42 10.22 -5.86
N GLY B 81 13.70 11.51 -5.81
CA GLY B 81 15.06 11.97 -5.72
C GLY B 81 15.51 12.75 -6.94
N ASN B 82 16.12 13.91 -6.71
CA ASN B 82 16.51 14.77 -7.82
C ASN B 82 17.52 14.10 -8.78
N ASP B 83 18.46 13.29 -8.28
CA ASP B 83 19.36 12.57 -9.19
C ASP B 83 18.61 11.57 -10.05
N ASN B 84 17.65 10.83 -9.48
CA ASN B 84 16.88 9.90 -10.28
C ASN B 84 15.99 10.61 -11.27
N ILE B 85 15.40 11.71 -10.86
CA ILE B 85 14.53 12.47 -11.74
C ILE B 85 15.33 13.04 -12.94
N HIS B 86 16.53 13.55 -12.65
CA HIS B 86 17.45 13.96 -13.72
C HIS B 86 17.73 12.82 -14.67
N ALA B 87 18.16 11.69 -14.12
CA ALA B 87 18.50 10.56 -14.97
C ALA B 87 17.31 10.14 -15.81
N LEU B 88 16.11 10.21 -15.25
CA LEU B 88 14.89 9.77 -15.92
C LEU B 88 14.48 10.71 -17.06
N THR B 89 14.79 11.99 -16.93
CA THR B 89 14.34 12.96 -17.89
C THR B 89 15.47 13.54 -18.72
N ALA B 90 16.72 13.14 -18.45
CA ALA B 90 17.85 13.61 -19.22
C ALA B 90 17.58 12.97 -20.56
N GLN B 91 17.86 13.71 -21.63
CA GLN B 91 17.10 13.63 -22.89
C GLN B 91 16.03 14.78 -22.80
N GLY B 92 15.05 14.90 -23.71
CA GLY B 92 14.62 13.86 -24.65
C GLY B 92 13.16 13.47 -24.41
N THR B 93 12.39 14.51 -24.11
CA THR B 93 10.96 14.54 -24.40
C THR B 93 10.25 13.50 -23.54
N SER B 94 10.25 13.75 -22.23
CA SER B 94 9.23 13.18 -21.39
C SER B 94 8.23 14.28 -21.16
N GLU B 95 6.96 13.94 -21.36
CA GLU B 95 5.84 14.74 -20.87
C GLU B 95 5.70 14.66 -19.36
N LEU B 96 5.14 15.72 -18.78
CA LEU B 96 4.83 15.82 -17.38
C LEU B 96 3.33 15.94 -17.19
N ARG B 97 2.80 15.15 -16.27
CA ARG B 97 1.44 15.26 -15.86
C ARG B 97 1.43 15.47 -14.37
N VAL B 98 0.62 16.42 -13.93
CA VAL B 98 0.44 16.67 -12.52
C VAL B 98 -1.02 16.38 -12.22
N ASP B 99 -1.31 15.48 -11.27
CA ASP B 99 -2.69 15.13 -10.91
C ASP B 99 -2.91 15.63 -9.50
N LEU B 100 -4.02 16.34 -9.30
CA LEU B 100 -4.39 16.90 -7.96
C LEU B 100 -5.81 16.53 -7.59
N VAL B 101 -6.02 16.11 -6.36
CA VAL B 101 -7.36 15.78 -5.86
C VAL B 101 -7.64 16.59 -4.61
N ASP B 102 -8.80 17.24 -4.55
CA ASP B 102 -9.17 18.01 -3.36
C ASP B 102 -9.90 17.14 -2.32
N PHE B 103 -10.31 17.74 -1.21
CA PHE B 103 -10.93 16.99 -0.11
C PHE B 103 -12.37 16.61 -0.35
N GLU B 104 -12.96 17.18 -1.40
CA GLU B 104 -14.27 16.74 -1.87
C GLU B 104 -14.16 15.78 -3.05
N ASP B 105 -12.97 15.22 -3.29
CA ASP B 105 -12.71 14.26 -4.35
C ASP B 105 -12.95 14.79 -5.76
N ASN B 106 -12.75 16.09 -5.96
CA ASN B 106 -12.69 16.63 -7.32
C ASN B 106 -11.25 16.49 -7.82
N TYR B 107 -11.13 16.01 -9.07
CA TYR B 107 -9.87 15.80 -9.76
C TYR B 107 -9.52 16.95 -10.71
N GLN B 108 -8.29 17.43 -10.64
CA GLN B 108 -7.78 18.38 -11.61
C GLN B 108 -6.42 17.91 -12.09
N PHE B 109 -6.01 18.38 -13.26
CA PHE B 109 -4.72 18.04 -13.73
C PHE B 109 -4.11 19.11 -14.58
N ALA B 110 -2.82 18.93 -14.86
CA ALA B 110 -2.07 19.78 -15.74
C ALA B 110 -1.08 18.92 -16.47
N LYS B 111 -0.94 19.17 -17.76
CA LYS B 111 -0.03 18.43 -18.60
C LYS B 111 0.86 19.37 -19.39
N TYR B 112 2.14 19.00 -19.51
CA TYR B 112 3.16 19.80 -20.21
C TYR B 112 3.86 18.93 -21.20
N ARG B 113 4.27 19.51 -22.31
CA ARG B 113 4.74 18.73 -23.43
C ARG B 113 6.12 18.13 -23.17
N SER B 114 6.93 18.81 -22.39
CA SER B 114 8.25 18.29 -22.04
C SER B 114 8.66 18.76 -20.66
N PHE B 115 9.53 17.97 -20.05
CA PHE B 115 9.93 18.20 -18.68
C PHE B 115 11.26 17.55 -18.49
N LYS B 116 12.19 18.32 -17.96
CA LYS B 116 13.40 17.73 -17.47
C LYS B 116 14.01 18.59 -16.37
N VAL B 117 14.81 17.91 -15.57
CA VAL B 117 15.55 18.58 -14.52
C VAL B 117 17.02 18.33 -14.81
N ALA B 118 17.83 19.38 -14.74
CA ALA B 118 19.26 19.26 -15.00
C ALA B 118 19.93 18.58 -13.81
N ASP B 119 21.25 18.40 -13.89
CA ASP B 119 21.97 17.63 -12.88
C ASP B 119 22.28 18.50 -11.67
N GLU B 120 22.90 17.90 -10.65
CA GLU B 120 23.20 18.64 -9.41
C GLU B 120 24.03 19.90 -9.64
N ALA B 121 24.99 19.83 -10.56
CA ALA B 121 25.71 21.00 -11.01
C ALA B 121 24.65 21.60 -11.94
N GLU B 122 24.32 22.86 -11.77
CA GLU B 122 23.13 23.45 -12.40
C GLU B 122 21.92 23.33 -11.52
N LYS B 123 22.07 22.74 -10.33
CA LYS B 123 21.09 22.87 -9.26
C LYS B 123 19.67 22.36 -9.66
N TYR B 124 19.65 21.28 -10.43
CA TYR B 124 18.41 20.61 -10.84
C TYR B 124 17.45 21.59 -11.45
N ASN B 125 18.04 22.48 -12.25
CA ASN B 125 17.31 23.46 -13.03
C ASN B 125 16.13 22.81 -13.75
N LEU B 126 14.98 23.45 -13.73
CA LEU B 126 13.81 22.97 -14.41
C LEU B 126 13.78 23.46 -15.84
N VAL B 127 13.64 22.53 -16.78
CA VAL B 127 13.43 22.84 -18.19
C VAL B 127 12.07 22.27 -18.59
N LEU B 128 11.12 23.17 -18.79
CA LEU B 128 9.72 22.81 -18.98
C LEU B 128 9.22 23.26 -20.36
N GLY B 129 8.53 22.38 -21.06
CA GLY B 129 7.91 22.70 -22.33
C GLY B 129 6.54 23.29 -22.12
N ALA B 130 5.85 23.49 -23.24
CA ALA B 130 4.55 24.13 -23.26
C ALA B 130 3.46 23.42 -22.45
N PHE B 131 2.67 24.24 -21.78
CA PHE B 131 1.39 23.78 -21.26
C PHE B 131 0.52 23.26 -22.42
N VAL B 132 -0.03 22.07 -22.24
CA VAL B 132 -0.84 21.38 -23.25
C VAL B 132 -2.33 21.51 -22.94
N GLU B 133 -2.72 21.11 -21.75
CA GLU B 133 -4.09 21.17 -21.27
C GLU B 133 -4.12 20.89 -19.84
N GLY B 134 -5.23 21.24 -19.20
CA GLY B 134 -5.50 20.82 -17.89
C GLY B 134 -6.49 21.69 -17.14
N SER B 135 -7.41 21.02 -16.46
CA SER B 135 -8.34 21.65 -15.56
C SER B 135 -7.73 22.38 -14.37
N ALA B 136 -6.53 22.02 -13.95
CA ALA B 136 -5.86 22.74 -12.85
C ALA B 136 -5.28 24.10 -13.28
N GLY B 137 -5.23 24.32 -14.58
CA GLY B 137 -4.55 25.49 -15.14
C GLY B 137 -3.05 25.37 -15.05
N ASP B 138 -2.34 26.30 -15.71
CA ASP B 138 -0.89 26.33 -15.73
C ASP B 138 -0.29 27.13 -14.56
N SER B 139 0.21 26.45 -13.52
CA SER B 139 0.96 27.11 -12.46
C SER B 139 2.38 26.57 -12.35
N LEU B 140 2.98 26.22 -13.48
CA LEU B 140 4.36 25.77 -13.47
C LEU B 140 5.26 26.48 -14.49
N THR B 141 4.69 26.94 -15.60
CA THR B 141 5.45 27.71 -16.60
C THR B 141 6.21 28.87 -15.93
N PHE B 142 5.56 29.56 -15.01
CA PHE B 142 6.21 30.58 -14.20
C PHE B 142 7.56 30.13 -13.63
N HIS B 143 7.69 28.85 -13.28
CA HIS B 143 8.93 28.34 -12.68
C HIS B 143 9.97 27.84 -13.65
N ASN B 144 9.74 27.98 -14.96
CA ASN B 144 10.67 27.49 -15.95
C ASN B 144 12.06 28.12 -15.81
N ASN B 145 13.09 27.29 -15.97
CA ASN B 145 14.49 27.74 -15.96
C ASN B 145 14.90 28.31 -14.59
N GLN B 146 14.37 27.72 -13.54
CA GLN B 146 14.74 28.08 -12.18
C GLN B 146 15.42 26.91 -11.48
N SER B 147 16.43 27.23 -10.68
CA SER B 147 17.07 26.25 -9.81
C SER B 147 16.10 25.71 -8.78
N PHE B 148 16.35 24.48 -8.33
CA PHE B 148 15.66 23.91 -7.18
C PHE B 148 16.26 24.53 -5.95
N SER B 149 15.41 24.75 -4.94
CA SER B 149 15.82 25.31 -3.64
C SER B 149 15.20 24.49 -2.49
N THR B 150 15.98 24.33 -1.41
CA THR B 150 15.51 23.72 -0.17
C THR B 150 15.86 24.69 0.96
N LYS B 151 15.37 24.43 2.16
CA LYS B 151 15.60 25.36 3.29
C LYS B 151 17.06 25.66 3.57
N ASP B 152 17.94 24.69 3.36
CA ASP B 152 19.38 24.86 3.61
C ASP B 152 20.17 25.27 2.35
N GLN B 153 19.49 25.44 1.22
CA GLN B 153 20.14 25.75 -0.04
C GLN B 153 19.26 26.68 -0.85
N ASP B 154 19.39 27.97 -0.57
CA ASP B 154 18.57 29.03 -1.18
C ASP B 154 19.18 29.43 -2.51
N ASN B 155 18.53 29.05 -3.60
CA ASN B 155 18.97 29.43 -4.94
C ASN B 155 17.88 30.22 -5.63
N ASP B 156 16.96 30.78 -4.86
CA ASP B 156 15.81 31.47 -5.45
C ASP B 156 16.16 32.93 -5.75
N LEU B 157 15.19 33.68 -6.29
CA LEU B 157 15.42 35.10 -6.63
C LEU B 157 14.79 36.05 -5.62
N ASN B 158 14.55 35.56 -4.42
CA ASN B 158 14.04 36.36 -3.34
C ASN B 158 15.20 36.74 -2.43
N THR B 159 15.08 37.94 -1.86
CA THR B 159 16.07 38.44 -0.91
C THR B 159 16.06 37.55 0.33
N GLY B 160 14.92 36.97 0.66
CA GLY B 160 14.85 35.96 1.71
C GLY B 160 14.87 34.53 1.16
N ASN B 161 14.39 33.62 2.01
CA ASN B 161 14.43 32.19 1.76
C ASN B 161 13.01 31.64 1.54
N CYS B 162 12.65 31.44 0.28
CA CYS B 162 11.30 30.99 -0.10
C CYS B 162 10.93 29.62 0.48
N ALA B 163 11.88 28.71 0.47
CA ALA B 163 11.65 27.37 1.00
C ALA B 163 11.21 27.43 2.48
N VAL B 164 11.81 28.34 3.24
CA VAL B 164 11.45 28.55 4.64
C VAL B 164 10.14 29.30 4.78
N MET B 165 9.98 30.35 3.99
CA MET B 165 8.77 31.14 4.05
C MET B 165 7.55 30.33 3.65
N PHE B 166 7.73 29.40 2.71
CA PHE B 166 6.60 28.60 2.21
C PHE B 166 6.66 27.10 2.54
N GLN B 167 7.58 26.74 3.42
CA GLN B 167 7.66 25.43 4.06
C GLN B 167 7.61 24.26 3.08
N GLY B 168 8.51 24.34 2.09
CA GLY B 168 8.61 23.38 1.04
C GLY B 168 9.98 23.28 0.40
N ALA B 169 9.98 22.74 -0.82
CA ALA B 169 11.17 22.65 -1.65
C ALA B 169 10.67 22.63 -3.09
N TRP B 170 11.25 23.47 -3.94
CA TRP B 170 10.68 23.71 -5.26
C TRP B 170 11.65 24.53 -6.09
N TRP B 171 11.26 24.77 -7.34
CA TRP B 171 12.01 25.63 -8.26
C TRP B 171 11.56 27.08 -8.06
N TYR B 172 11.77 27.58 -6.83
CA TYR B 172 11.25 28.88 -6.39
C TYR B 172 11.92 30.01 -7.14
N LYS B 173 11.14 31.05 -7.48
CA LYS B 173 11.74 32.30 -8.04
C LYS B 173 11.59 33.49 -7.10
N ASN B 174 10.55 34.31 -7.33
CA ASN B 174 10.18 35.43 -6.44
C ASN B 174 9.16 34.77 -5.56
N CYS B 175 9.63 33.64 -5.07
CA CYS B 175 8.86 32.51 -4.58
C CYS B 175 7.97 31.74 -5.57
N HIS B 176 6.64 31.77 -5.55
CA HIS B 176 5.92 30.71 -6.25
C HIS B 176 4.48 30.94 -6.61
N VAL B 177 4.10 30.16 -7.61
CA VAL B 177 2.72 29.92 -7.98
C VAL B 177 2.31 28.43 -7.87
N SER B 178 3.28 27.54 -7.64
CA SER B 178 2.96 26.18 -7.19
C SER B 178 3.92 25.76 -6.09
N ASN B 179 3.46 24.88 -5.20
CA ASN B 179 4.24 24.51 -4.01
C ASN B 179 3.86 23.10 -3.54
N LEU B 180 3.99 22.12 -4.43
CA LEU B 180 3.43 20.78 -4.22
C LEU B 180 4.17 19.93 -3.18
N ASN B 181 5.39 20.33 -2.86
CA ASN B 181 6.14 19.78 -1.73
C ASN B 181 5.94 20.61 -0.41
N GLY B 182 4.88 21.40 -0.36
CA GLY B 182 4.52 22.15 0.83
C GLY B 182 3.90 21.30 1.94
N ARG B 183 3.44 21.93 2.99
CA ARG B 183 2.92 21.22 4.12
C ARG B 183 1.55 20.65 3.81
N TYR B 184 1.27 19.48 4.40
CA TYR B 184 0.00 18.81 4.21
C TYR B 184 -1.02 19.49 5.15
N LEU B 185 -1.59 20.61 4.71
CA LEU B 185 -2.45 21.44 5.58
C LEU B 185 -3.93 21.10 5.56
N ARG B 186 -4.36 20.21 4.67
CA ARG B 186 -5.73 19.69 4.71
C ARG B 186 -6.84 20.71 4.40
N GLY B 187 -7.01 21.01 3.11
CA GLY B 187 -8.08 21.88 2.65
C GLY B 187 -7.74 23.34 2.84
N THR B 188 -8.75 24.13 3.19
CA THR B 188 -8.57 25.58 3.29
C THR B 188 -7.69 25.87 4.50
N HIS B 189 -6.79 26.83 4.34
CA HIS B 189 -5.89 27.23 5.42
C HIS B 189 -5.70 28.74 5.38
N GLY B 190 -5.65 29.35 6.56
CA GLY B 190 -5.45 30.80 6.72
C GLY B 190 -4.02 31.22 6.41
N SER B 191 -3.06 30.37 6.77
CA SER B 191 -1.67 30.64 6.47
C SER B 191 -1.49 30.79 4.95
N PHE B 192 -0.62 31.70 4.55
CA PHE B 192 -0.47 32.06 3.15
C PHE B 192 0.50 31.17 2.37
N ALA B 193 -0.04 30.38 1.45
CA ALA B 193 0.75 29.76 0.37
C ALA B 193 1.81 28.76 0.83
N ASN B 194 1.62 28.17 2.00
CA ASN B 194 2.59 27.23 2.55
C ASN B 194 2.06 25.79 2.57
N GLY B 195 0.96 25.55 1.87
CA GLY B 195 0.41 24.22 1.70
C GLY B 195 0.70 23.61 0.35
N ILE B 196 -0.01 22.53 0.05
CA ILE B 196 0.17 21.86 -1.23
C ILE B 196 -0.70 22.63 -2.21
N ASN B 197 -0.10 23.66 -2.82
CA ASN B 197 -0.84 24.70 -3.52
C ASN B 197 -0.51 24.77 -4.99
N TRP B 198 -1.54 25.03 -5.76
CA TRP B 198 -1.44 25.27 -7.18
C TRP B 198 -2.35 26.50 -7.45
N LYS B 199 -1.73 27.66 -7.71
CA LYS B 199 -2.46 28.97 -7.72
C LYS B 199 -3.69 28.93 -8.64
N SER B 200 -3.48 28.47 -9.88
CA SER B 200 -4.52 28.46 -10.89
C SER B 200 -5.56 27.39 -10.62
N GLY B 201 -5.29 26.46 -9.70
CA GLY B 201 -6.24 25.42 -9.35
C GLY B 201 -7.14 25.84 -8.20
N LYS B 202 -6.72 25.60 -6.98
CA LYS B 202 -7.50 25.98 -5.81
C LYS B 202 -6.90 27.18 -5.08
N GLY B 203 -5.76 27.69 -5.55
CA GLY B 203 -5.22 28.93 -4.99
C GLY B 203 -4.22 28.79 -3.86
N TYR B 204 -3.89 29.92 -3.25
CA TYR B 204 -2.82 30.01 -2.27
C TYR B 204 -3.25 29.63 -0.83
N ASN B 205 -4.53 29.30 -0.68
CA ASN B 205 -5.11 28.98 0.62
C ASN B 205 -5.89 27.68 0.63
N TYR B 206 -5.53 26.76 -0.26
CA TYR B 206 -6.12 25.41 -0.28
C TYR B 206 -5.06 24.35 -0.60
N SER B 207 -4.91 23.41 0.34
CA SER B 207 -3.92 22.36 0.27
C SER B 207 -4.59 21.05 -0.14
N TYR B 208 -4.19 20.52 -1.32
CA TYR B 208 -4.82 19.32 -1.87
C TYR B 208 -4.65 18.09 -1.05
N LYS B 209 -5.56 17.14 -1.23
CA LYS B 209 -5.52 15.85 -0.52
C LYS B 209 -4.48 14.92 -1.19
N VAL B 210 -4.46 14.96 -2.51
CA VAL B 210 -3.57 14.12 -3.29
C VAL B 210 -2.84 15.00 -4.29
N SER B 211 -1.56 14.70 -4.47
CA SER B 211 -0.73 15.28 -5.50
C SER B 211 0.10 14.14 -6.10
N GLU B 212 0.21 14.11 -7.42
CA GLU B 212 1.12 13.18 -8.10
C GLU B 212 1.74 13.85 -9.26
N MET B 213 3.07 13.75 -9.37
CA MET B 213 3.79 14.26 -10.50
C MET B 213 4.43 13.05 -11.18
N LYS B 214 4.23 12.96 -12.49
CA LYS B 214 4.57 11.80 -13.24
C LYS B 214 4.98 12.14 -14.66
N VAL B 215 5.78 11.26 -15.26
CA VAL B 215 6.32 11.48 -16.59
C VAL B 215 6.11 10.29 -17.50
N ARG B 216 6.11 10.55 -18.80
CA ARG B 216 5.88 9.52 -19.82
C ARG B 216 6.53 10.02 -21.13
N PRO B 217 7.19 9.14 -21.91
CA PRO B 217 7.71 9.62 -23.21
C PRO B 217 6.59 10.27 -24.03
N ALA B 218 6.76 11.53 -24.41
CA ALA B 218 5.73 12.28 -25.12
C ALA B 218 5.48 11.66 -26.47
N THR C 5 8.98 -26.43 -11.22
CA THR C 5 10.21 -25.71 -10.80
C THR C 5 10.04 -24.47 -9.86
N GLY C 6 8.86 -23.85 -9.91
CA GLY C 6 8.52 -22.61 -9.16
C GLY C 6 7.09 -22.73 -8.62
N PRO C 7 6.64 -21.77 -7.78
CA PRO C 7 5.27 -21.87 -7.21
C PRO C 7 4.19 -21.62 -8.27
N ARG C 8 3.16 -22.46 -8.28
CA ARG C 8 2.06 -22.36 -9.29
C ARG C 8 0.83 -21.62 -8.69
N THR C 9 0.75 -21.55 -7.37
CA THR C 9 -0.33 -20.86 -6.69
C THR C 9 0.14 -20.19 -5.43
N CYS C 10 -0.75 -19.40 -4.87
CA CYS C 10 -0.55 -18.81 -3.60
C CYS C 10 -0.46 -19.89 -2.50
N LYS C 11 -1.20 -20.99 -2.66
CA LYS C 11 -1.15 -22.10 -1.71
C LYS C 11 0.27 -22.70 -1.65
N ASP C 12 0.90 -22.87 -2.81
CA ASP C 12 2.31 -23.33 -2.84
C ASP C 12 3.23 -22.35 -2.09
N LEU C 13 2.98 -21.04 -2.22
CA LEU C 13 3.81 -20.07 -1.54
C LEU C 13 3.64 -20.16 -0.08
N LEU C 14 2.40 -20.38 0.36
CA LEU C 14 2.14 -20.52 1.79
C LEU C 14 2.83 -21.78 2.33
N ASP C 15 2.74 -22.88 1.59
CA ASP C 15 3.43 -24.14 1.98
C ASP C 15 4.97 -23.96 2.08
N ARG C 16 5.54 -23.03 1.32
CA ARG C 16 6.99 -22.74 1.37
C ARG C 16 7.39 -21.70 2.40
N GLY C 17 6.49 -21.35 3.28
CA GLY C 17 6.78 -20.39 4.34
C GLY C 17 6.55 -18.88 4.08
N HIS C 18 5.83 -18.51 3.04
CA HIS C 18 5.42 -17.08 2.85
C HIS C 18 4.10 -16.78 3.62
N PHE C 19 4.21 -16.27 4.82
CA PHE C 19 3.05 -16.18 5.71
C PHE C 19 2.35 -14.81 5.69
N LEU C 20 2.92 -13.83 5.00
CA LEU C 20 2.35 -12.51 4.90
C LEU C 20 1.61 -12.38 3.57
N SER C 21 0.43 -11.79 3.63
CA SER C 21 -0.28 -11.45 2.42
C SER C 21 0.47 -10.40 1.66
N GLY C 22 0.30 -10.42 0.34
CA GLY C 22 1.11 -9.57 -0.53
C GLY C 22 1.23 -10.08 -1.92
N TRP C 23 1.88 -9.29 -2.72
CA TRP C 23 1.99 -9.59 -4.17
C TRP C 23 3.20 -10.49 -4.39
N HIS C 24 3.00 -11.62 -5.04
CA HIS C 24 4.07 -12.56 -5.34
C HIS C 24 3.95 -13.04 -6.75
N THR C 25 5.07 -13.51 -7.28
CA THR C 25 5.07 -14.10 -8.61
C THR C 25 4.74 -15.58 -8.56
N ILE C 26 3.76 -15.99 -9.34
CA ILE C 26 3.50 -17.42 -9.54
C ILE C 26 3.69 -17.76 -11.02
N TYR C 27 3.64 -19.04 -11.31
CA TYR C 27 3.85 -19.52 -12.68
C TYR C 27 2.61 -20.21 -13.18
N LEU C 28 2.02 -19.65 -14.23
CA LEU C 28 0.82 -20.23 -14.82
C LEU C 28 1.11 -21.56 -15.53
N PRO C 29 0.05 -22.32 -15.88
CA PRO C 29 0.24 -23.61 -16.57
C PRO C 29 1.19 -23.58 -17.78
N ASP C 30 1.09 -22.53 -18.60
CA ASP C 30 1.97 -22.34 -19.76
C ASP C 30 3.36 -21.76 -19.37
N CYS C 31 3.65 -21.79 -18.07
CA CYS C 31 4.88 -21.30 -17.48
C CYS C 31 5.06 -19.80 -17.53
N ARG C 32 4.00 -19.07 -17.89
CA ARG C 32 4.03 -17.61 -17.90
C ARG C 32 4.00 -17.09 -16.44
N PRO C 33 4.93 -16.20 -16.10
CA PRO C 33 4.92 -15.63 -14.78
C PRO C 33 3.79 -14.60 -14.65
N LEU C 34 3.14 -14.60 -13.48
CA LEU C 34 2.05 -13.64 -13.20
C LEU C 34 2.14 -13.20 -11.75
N THR C 35 2.15 -11.90 -11.55
CA THR C 35 2.30 -11.33 -10.22
C THR C 35 0.91 -11.12 -9.62
N VAL C 36 0.62 -11.82 -8.53
CA VAL C 36 -0.72 -11.88 -7.98
C VAL C 36 -0.70 -11.58 -6.51
N LEU C 37 -1.88 -11.22 -6.00
CA LEU C 37 -2.07 -10.91 -4.58
C LEU C 37 -2.47 -12.21 -3.91
N CYS C 38 -1.63 -12.64 -2.99
CA CYS C 38 -1.92 -13.78 -2.12
C CYS C 38 -2.52 -13.32 -0.80
N ASP C 39 -3.66 -13.88 -0.44
CA ASP C 39 -4.21 -13.74 0.91
C ASP C 39 -3.78 -14.97 1.74
N MET C 40 -2.84 -14.74 2.65
CA MET C 40 -2.24 -15.79 3.50
C MET C 40 -2.89 -15.83 4.90
N ASP C 41 -3.96 -15.08 5.13
CA ASP C 41 -4.65 -15.01 6.45
C ASP C 41 -6.01 -15.75 6.45
N THR C 42 -6.90 -15.30 5.59
CA THR C 42 -8.26 -15.76 5.61
C THR C 42 -8.40 -17.26 5.38
N ASP C 43 -9.15 -17.89 6.28
CA ASP C 43 -9.65 -19.24 6.12
C ASP C 43 -8.54 -20.23 5.66
N GLY C 44 -7.47 -20.30 6.44
CA GLY C 44 -6.31 -21.17 6.15
C GLY C 44 -5.22 -20.54 5.26
N GLY C 45 -5.56 -19.48 4.53
CA GLY C 45 -4.57 -18.79 3.72
C GLY C 45 -4.37 -19.52 2.39
N GLY C 46 -3.50 -18.98 1.55
CA GLY C 46 -3.22 -19.59 0.28
C GLY C 46 -4.20 -19.28 -0.83
N TRP C 47 -4.95 -18.15 -0.69
CA TRP C 47 -5.88 -17.70 -1.74
C TRP C 47 -5.23 -16.73 -2.68
N THR C 48 -5.53 -16.86 -3.97
CA THR C 48 -5.10 -15.92 -4.97
C THR C 48 -6.27 -14.95 -5.24
N VAL C 49 -6.04 -13.68 -5.02
CA VAL C 49 -7.11 -12.69 -5.10
C VAL C 49 -7.18 -12.15 -6.52
N PHE C 50 -8.32 -12.23 -7.15
CA PHE C 50 -8.48 -11.69 -8.48
C PHE C 50 -9.37 -10.43 -8.60
N GLN C 51 -10.07 -10.06 -7.54
CA GLN C 51 -10.79 -8.78 -7.51
C GLN C 51 -10.61 -8.21 -6.11
N ARG C 52 -10.44 -6.91 -6.06
CA ARG C 52 -10.36 -6.24 -4.76
C ARG C 52 -10.95 -4.80 -4.88
N ARG C 53 -11.95 -4.49 -4.04
CA ARG C 53 -12.49 -3.12 -3.82
C ARG C 53 -12.26 -2.76 -2.39
N VAL C 54 -11.81 -1.54 -2.12
CA VAL C 54 -11.53 -1.07 -0.76
C VAL C 54 -11.84 0.41 -0.52
N ASP C 55 -11.87 1.25 -1.54
CA ASP C 55 -12.00 2.70 -1.22
C ASP C 55 -12.54 3.54 -2.38
N GLY C 56 -12.81 2.95 -3.53
CA GLY C 56 -13.46 3.69 -4.61
C GLY C 56 -12.49 4.47 -5.50
N SER C 57 -11.21 4.22 -5.35
CA SER C 57 -10.19 4.99 -6.06
C SER C 57 -10.14 4.62 -7.54
N VAL C 58 -10.58 3.42 -7.92
CA VAL C 58 -10.49 2.92 -9.27
C VAL C 58 -11.92 2.79 -9.85
N ASP C 59 -12.04 3.22 -11.09
CA ASP C 59 -13.23 3.09 -11.93
C ASP C 59 -13.39 1.67 -12.47
N PHE C 60 -14.45 0.97 -12.04
CA PHE C 60 -14.73 -0.42 -12.52
C PHE C 60 -15.74 -0.48 -13.68
N TYR C 61 -16.25 0.67 -14.10
CA TYR C 61 -17.19 0.75 -15.22
C TYR C 61 -16.42 0.75 -16.52
N ARG C 62 -15.82 -0.37 -16.86
CA ARG C 62 -14.89 -0.42 -18.00
C ARG C 62 -15.35 -1.35 -19.12
N ASP C 63 -14.64 -1.26 -20.21
CA ASP C 63 -15.01 -1.95 -21.43
C ASP C 63 -14.42 -3.40 -21.46
N TRP C 64 -14.77 -4.14 -22.53
CA TRP C 64 -14.40 -5.54 -22.69
C TRP C 64 -12.84 -5.73 -22.66
N ALA C 65 -12.13 -4.96 -23.49
CA ALA C 65 -10.67 -5.01 -23.57
C ALA C 65 -10.00 -4.75 -22.23
N THR C 66 -10.54 -3.84 -21.45
CA THR C 66 -9.92 -3.53 -20.15
C THR C 66 -10.15 -4.66 -19.13
N TYR C 67 -11.36 -5.22 -19.09
CA TYR C 67 -11.66 -6.39 -18.26
C TYR C 67 -10.82 -7.64 -18.69
N LYS C 68 -10.57 -7.75 -19.97
CA LYS C 68 -9.81 -8.85 -20.53
C LYS C 68 -8.34 -8.82 -20.05
N GLN C 69 -7.75 -7.65 -20.07
CA GLN C 69 -6.36 -7.56 -19.69
C GLN C 69 -6.10 -7.33 -18.16
N GLY C 70 -7.10 -6.83 -17.44
CA GLY C 70 -6.91 -6.51 -16.04
C GLY C 70 -6.62 -5.04 -15.88
N PHE C 71 -6.91 -4.48 -14.69
CA PHE C 71 -6.79 -3.06 -14.47
C PHE C 71 -6.77 -2.78 -13.00
N GLY C 72 -6.31 -1.60 -12.67
CA GLY C 72 -6.26 -1.09 -11.31
C GLY C 72 -4.85 -1.03 -10.78
N SER C 73 -4.71 -1.23 -9.48
CA SER C 73 -3.44 -0.96 -8.82
C SER C 73 -3.13 -2.02 -7.75
N ARG C 74 -1.88 -2.45 -7.73
CA ARG C 74 -1.42 -3.34 -6.66
C ARG C 74 -1.46 -2.71 -5.26
N LEU C 75 -1.53 -1.39 -5.20
CA LEU C 75 -1.63 -0.65 -3.95
C LEU C 75 -3.07 -0.54 -3.44
N GLY C 76 -4.03 -1.04 -4.20
CA GLY C 76 -5.44 -0.89 -3.85
C GLY C 76 -6.37 -1.78 -4.62
N GLU C 77 -7.11 -1.22 -5.54
CA GLU C 77 -8.23 -1.91 -6.10
C GLU C 77 -7.80 -2.44 -7.44
N PHE C 78 -8.30 -3.63 -7.81
CA PHE C 78 -8.00 -4.16 -9.12
C PHE C 78 -8.94 -5.24 -9.53
N TRP C 79 -8.99 -5.44 -10.85
CA TRP C 79 -9.45 -6.68 -11.47
C TRP C 79 -8.27 -7.35 -12.24
N LEU C 80 -7.95 -8.59 -11.93
CA LEU C 80 -6.70 -9.21 -12.38
C LEU C 80 -6.68 -9.45 -13.88
N GLY C 81 -7.87 -9.61 -14.46
CA GLY C 81 -8.00 -9.77 -15.92
C GLY C 81 -8.63 -11.11 -16.28
N ASN C 82 -9.60 -11.06 -17.18
CA ASN C 82 -10.33 -12.29 -17.54
C ASN C 82 -9.41 -13.36 -18.14
N ASP C 83 -8.44 -12.99 -18.96
CA ASP C 83 -7.50 -14.03 -19.50
C ASP C 83 -6.66 -14.67 -18.37
N ASN C 84 -6.19 -13.88 -17.43
CA ASN C 84 -5.47 -14.44 -16.30
C ASN C 84 -6.36 -15.30 -15.43
N ILE C 85 -7.60 -14.86 -15.20
CA ILE C 85 -8.50 -15.62 -14.33
C ILE C 85 -8.83 -16.98 -14.98
N HIS C 86 -9.07 -16.95 -16.28
CA HIS C 86 -9.23 -18.17 -17.03
C HIS C 86 -8.01 -19.09 -16.85
N ALA C 87 -6.82 -18.54 -17.12
CA ALA C 87 -5.62 -19.34 -17.00
C ALA C 87 -5.46 -19.89 -15.58
N LEU C 88 -5.83 -19.13 -14.56
CA LEU C 88 -5.69 -19.63 -13.19
C LEU C 88 -6.66 -20.72 -12.85
N THR C 89 -7.82 -20.71 -13.47
CA THR C 89 -8.85 -21.64 -13.05
C THR C 89 -9.10 -22.75 -14.04
N ALA C 90 -8.42 -22.70 -15.19
CA ALA C 90 -8.70 -23.65 -16.27
C ALA C 90 -8.38 -25.09 -15.85
N GLN C 91 -7.18 -25.33 -15.35
CA GLN C 91 -6.80 -26.71 -15.01
C GLN C 91 -6.78 -26.96 -13.51
N GLY C 92 -7.53 -27.98 -13.11
CA GLY C 92 -7.72 -28.29 -11.72
C GLY C 92 -9.06 -27.76 -11.27
N THR C 93 -9.26 -27.89 -9.99
CA THR C 93 -10.47 -27.42 -9.37
C THR C 93 -10.03 -26.38 -8.37
N SER C 94 -10.48 -25.15 -8.58
CA SER C 94 -10.28 -24.07 -7.62
C SER C 94 -11.59 -23.74 -6.94
N GLU C 95 -11.53 -23.72 -5.62
CA GLU C 95 -12.62 -23.18 -4.80
C GLU C 95 -12.60 -21.63 -4.86
N LEU C 96 -13.80 -21.02 -4.75
CA LEU C 96 -14.00 -19.58 -4.74
C LEU C 96 -14.46 -19.14 -3.38
N ARG C 97 -13.82 -18.10 -2.88
CA ARG C 97 -14.31 -17.42 -1.71
C ARG C 97 -14.55 -15.98 -2.08
N VAL C 98 -15.68 -15.45 -1.62
CA VAL C 98 -16.00 -14.04 -1.72
C VAL C 98 -16.08 -13.45 -0.35
N ASP C 99 -15.27 -12.42 -0.06
CA ASP C 99 -15.27 -11.76 1.26
C ASP C 99 -15.79 -10.35 1.12
N LEU C 100 -16.74 -9.96 1.97
CA LEU C 100 -17.41 -8.65 1.91
C LEU C 100 -17.38 -8.01 3.26
N VAL C 101 -17.06 -6.70 3.30
CA VAL C 101 -17.05 -5.96 4.59
C VAL C 101 -17.93 -4.73 4.41
N ASP C 102 -18.82 -4.50 5.37
CA ASP C 102 -19.67 -3.34 5.33
C ASP C 102 -19.01 -2.15 6.01
N PHE C 103 -19.70 -1.01 6.00
CA PHE C 103 -19.13 0.22 6.56
C PHE C 103 -19.07 0.26 8.07
N GLU C 104 -19.75 -0.69 8.75
CA GLU C 104 -19.60 -0.87 10.20
C GLU C 104 -18.59 -1.98 10.55
N ASP C 105 -17.77 -2.41 9.57
CA ASP C 105 -16.74 -3.40 9.73
C ASP C 105 -17.26 -4.76 10.11
N ASN C 106 -18.46 -5.08 9.67
CA ASN C 106 -18.93 -6.44 9.77
C ASN C 106 -18.58 -7.19 8.52
N TYR C 107 -18.09 -8.40 8.72
CA TYR C 107 -17.63 -9.30 7.69
C TYR C 107 -18.69 -10.33 7.30
N GLN C 108 -18.86 -10.54 6.00
CA GLN C 108 -19.64 -11.68 5.50
C GLN C 108 -18.86 -12.39 4.39
N PHE C 109 -19.22 -13.63 4.09
CA PHE C 109 -18.53 -14.34 3.03
C PHE C 109 -19.42 -15.34 2.40
N ALA C 110 -18.96 -15.82 1.27
CA ALA C 110 -19.58 -16.89 0.56
C ALA C 110 -18.48 -17.75 -0.03
N LYS C 111 -18.68 -19.06 0.01
CA LYS C 111 -17.72 -20.03 -0.50
C LYS C 111 -18.38 -21.06 -1.40
N TYR C 112 -17.73 -21.35 -2.52
CA TYR C 112 -18.25 -22.26 -3.53
C TYR C 112 -17.20 -23.32 -3.79
N ARG C 113 -17.65 -24.51 -4.10
CA ARG C 113 -16.74 -25.71 -4.14
C ARG C 113 -15.83 -25.67 -5.38
N SER C 114 -16.31 -25.07 -6.47
CA SER C 114 -15.49 -24.91 -7.67
C SER C 114 -15.88 -23.64 -8.42
N PHE C 115 -14.93 -23.14 -9.19
CA PHE C 115 -15.09 -21.92 -9.90
C PHE C 115 -14.14 -21.93 -11.05
N LYS C 116 -14.67 -21.62 -12.22
CA LYS C 116 -13.80 -21.30 -13.30
C LYS C 116 -14.50 -20.40 -14.28
N VAL C 117 -13.66 -19.72 -15.04
CA VAL C 117 -14.15 -18.91 -16.12
C VAL C 117 -13.57 -19.50 -17.39
N ALA C 118 -14.41 -19.67 -18.40
CA ALA C 118 -13.93 -20.19 -19.69
C ALA C 118 -13.13 -19.10 -20.42
N ASP C 119 -12.66 -19.42 -21.62
CA ASP C 119 -11.77 -18.54 -22.36
C ASP C 119 -12.56 -17.49 -23.12
N GLU C 120 -11.85 -16.57 -23.78
CA GLU C 120 -12.50 -15.44 -24.46
C GLU C 120 -13.57 -15.89 -25.49
N ALA C 121 -13.28 -16.96 -26.23
CA ALA C 121 -14.19 -17.43 -27.27
C ALA C 121 -15.52 -17.92 -26.70
N GLU C 122 -15.52 -18.40 -25.47
CA GLU C 122 -16.79 -18.74 -24.79
CA GLU C 122 -16.72 -18.77 -24.76
C GLU C 122 -17.21 -17.58 -23.86
N LYS C 123 -16.70 -16.38 -24.14
CA LYS C 123 -17.08 -15.17 -23.43
C LYS C 123 -16.91 -15.25 -21.90
N TYR C 124 -15.86 -15.94 -21.48
CA TYR C 124 -15.51 -16.00 -20.09
C TYR C 124 -16.70 -16.45 -19.29
N ASN C 125 -17.41 -17.42 -19.87
CA ASN C 125 -18.51 -18.11 -19.25
C ASN C 125 -18.16 -18.57 -17.83
N LEU C 126 -19.09 -18.37 -16.91
CA LEU C 126 -18.88 -18.75 -15.55
C LEU C 126 -19.33 -20.19 -15.35
N VAL C 127 -18.45 -20.99 -14.74
CA VAL C 127 -18.78 -22.35 -14.34
C VAL C 127 -18.51 -22.49 -12.87
N LEU C 128 -19.60 -22.60 -12.15
CA LEU C 128 -19.57 -22.47 -10.72
C LEU C 128 -20.10 -23.75 -10.09
N GLY C 129 -19.42 -24.23 -9.07
CA GLY C 129 -19.86 -25.40 -8.31
C GLY C 129 -20.77 -24.97 -7.19
N ALA C 130 -21.13 -25.94 -6.37
CA ALA C 130 -22.07 -25.77 -5.29
C ALA C 130 -21.65 -24.75 -4.22
N PHE C 131 -22.65 -24.01 -3.78
CA PHE C 131 -22.55 -23.25 -2.57
C PHE C 131 -22.24 -24.19 -1.40
N VAL C 132 -21.22 -23.85 -0.62
CA VAL C 132 -20.72 -24.66 0.48
C VAL C 132 -21.18 -24.07 1.81
N GLU C 133 -20.87 -22.81 2.03
CA GLU C 133 -21.34 -22.08 3.21
C GLU C 133 -21.08 -20.58 3.02
N GLY C 134 -21.68 -19.77 3.89
CA GLY C 134 -21.34 -18.42 4.00
C GLY C 134 -22.42 -17.56 4.59
N SER C 135 -22.00 -16.70 5.48
CA SER C 135 -22.88 -15.70 6.03
C SER C 135 -23.46 -14.67 5.03
N ALA C 136 -22.83 -14.46 3.88
CA ALA C 136 -23.38 -13.53 2.87
C ALA C 136 -24.53 -14.15 2.10
N GLY C 137 -24.73 -15.46 2.26
CA GLY C 137 -25.69 -16.22 1.43
C GLY C 137 -25.20 -16.41 0.01
N ASP C 138 -25.95 -17.18 -0.75
CA ASP C 138 -25.62 -17.49 -2.12
C ASP C 138 -26.25 -16.51 -3.13
N SER C 139 -25.46 -15.58 -3.67
CA SER C 139 -25.93 -14.69 -4.73
C SER C 139 -25.04 -14.80 -5.94
N LEU C 140 -24.58 -16.00 -6.23
CA LEU C 140 -23.82 -16.22 -7.46
C LEU C 140 -24.30 -17.41 -8.28
N THR C 141 -24.85 -18.43 -7.61
CA THR C 141 -25.39 -19.59 -8.31
C THR C 141 -26.36 -19.14 -9.44
N PHE C 142 -27.20 -18.15 -9.16
CA PHE C 142 -28.05 -17.53 -10.17
C PHE C 142 -27.29 -17.19 -11.45
N HIS C 143 -26.03 -16.78 -11.36
CA HIS C 143 -25.26 -16.43 -12.56
C HIS C 143 -24.51 -17.57 -13.23
N ASN C 144 -24.67 -18.80 -12.75
CA ASN C 144 -23.98 -19.91 -13.34
C ASN C 144 -24.28 -20.11 -14.83
N ASN C 145 -23.23 -20.42 -15.59
CA ASN C 145 -23.35 -20.68 -17.03
C ASN C 145 -23.81 -19.45 -17.83
N GLN C 146 -23.40 -18.28 -17.37
CA GLN C 146 -23.61 -17.08 -18.15
C GLN C 146 -22.31 -16.50 -18.64
N SER C 147 -22.37 -15.93 -19.83
CA SER C 147 -21.29 -15.14 -20.35
C SER C 147 -21.04 -13.88 -19.52
N PHE C 148 -19.81 -13.41 -19.57
CA PHE C 148 -19.44 -12.14 -19.02
C PHE C 148 -19.93 -11.09 -19.98
N SER C 149 -20.34 -9.94 -19.44
CA SER C 149 -20.80 -8.76 -20.21
C SER C 149 -20.17 -7.47 -19.67
N THR C 150 -19.84 -6.57 -20.58
CA THR C 150 -19.39 -5.24 -20.24
C THR C 150 -20.25 -4.27 -21.06
N LYS C 151 -20.15 -2.98 -20.79
CA LYS C 151 -21.01 -1.97 -21.45
C LYS C 151 -20.97 -2.09 -22.98
N ASP C 152 -19.79 -2.40 -23.55
CA ASP C 152 -19.60 -2.43 -25.00
C ASP C 152 -19.77 -3.84 -25.57
N GLN C 153 -20.09 -4.82 -24.74
CA GLN C 153 -20.26 -6.19 -25.25
C GLN C 153 -21.31 -6.90 -24.41
N ASP C 154 -22.55 -6.72 -24.87
CA ASP C 154 -23.77 -7.16 -24.22
C ASP C 154 -23.98 -8.62 -24.61
N ASN C 155 -23.78 -9.51 -23.66
CA ASN C 155 -24.07 -10.93 -23.85
C ASN C 155 -25.11 -11.40 -22.86
N ASP C 156 -25.89 -10.48 -22.30
CA ASP C 156 -26.83 -10.83 -21.24
C ASP C 156 -28.17 -11.27 -21.82
N LEU C 157 -29.11 -11.64 -20.93
CA LEU C 157 -30.43 -12.12 -21.33
C LEU C 157 -31.53 -11.08 -21.13
N ASN C 158 -31.12 -9.81 -21.10
CA ASN C 158 -32.04 -8.69 -21.08
C ASN C 158 -32.12 -8.04 -22.48
N THR C 159 -33.29 -7.47 -22.78
CA THR C 159 -33.48 -6.77 -24.03
C THR C 159 -32.66 -5.48 -24.03
N GLY C 160 -32.44 -4.89 -22.87
CA GLY C 160 -31.50 -3.78 -22.74
C GLY C 160 -30.07 -4.27 -22.36
N ASN C 161 -29.29 -3.32 -21.89
CA ASN C 161 -27.88 -3.51 -21.60
C ASN C 161 -27.65 -3.42 -20.05
N CYS C 162 -27.56 -4.57 -19.40
CA CYS C 162 -27.41 -4.68 -17.91
C CYS C 162 -26.20 -3.95 -17.35
N ALA C 163 -25.07 -4.12 -18.03
CA ALA C 163 -23.86 -3.48 -17.64
C ALA C 163 -24.05 -1.94 -17.52
N VAL C 164 -24.80 -1.37 -18.43
CA VAL C 164 -25.07 0.07 -18.42
C VAL C 164 -26.14 0.42 -17.36
N MET C 165 -27.17 -0.40 -17.26
CA MET C 165 -28.24 -0.16 -16.33
C MET C 165 -27.77 -0.31 -14.92
N PHE C 166 -26.79 -1.20 -14.70
CA PHE C 166 -26.23 -1.39 -13.35
C PHE C 166 -24.80 -0.91 -13.09
N GLN C 167 -24.27 -0.18 -14.08
CA GLN C 167 -22.93 0.42 -14.04
C GLN C 167 -21.82 -0.49 -13.47
N GLY C 168 -21.71 -1.64 -14.13
CA GLY C 168 -20.73 -2.65 -13.82
C GLY C 168 -20.31 -3.52 -14.98
N ALA C 169 -19.76 -4.68 -14.62
CA ALA C 169 -19.37 -5.74 -15.55
C ALA C 169 -19.42 -7.07 -14.81
N TRP C 170 -20.12 -8.05 -15.36
CA TRP C 170 -20.48 -9.25 -14.60
C TRP C 170 -21.08 -10.27 -15.55
N TRP C 171 -21.41 -11.43 -15.00
CA TRP C 171 -22.02 -12.52 -15.74
C TRP C 171 -23.52 -12.31 -15.71
N TYR C 172 -23.94 -11.19 -16.27
CA TYR C 172 -25.33 -10.71 -16.15
C TYR C 172 -26.28 -11.62 -16.89
N LYS C 173 -27.44 -11.87 -16.28
CA LYS C 173 -28.55 -12.58 -16.93
C LYS C 173 -29.66 -11.61 -17.26
N ASN C 174 -30.66 -11.53 -16.40
CA ASN C 174 -31.74 -10.54 -16.57
C ASN C 174 -32.22 -9.90 -15.23
N CYS C 175 -31.39 -9.18 -14.46
CA CYS C 175 -29.98 -8.87 -14.78
C CYS C 175 -29.03 -9.49 -13.77
N HIS C 176 -29.28 -9.25 -12.47
CA HIS C 176 -28.35 -9.75 -11.48
C HIS C 176 -28.92 -9.91 -10.09
N VAL C 177 -28.25 -10.79 -9.37
CA VAL C 177 -28.31 -10.78 -7.89
C VAL C 177 -26.96 -10.42 -7.22
N SER C 178 -25.89 -10.35 -7.98
CA SER C 178 -24.67 -9.79 -7.42
C SER C 178 -24.05 -8.89 -8.47
N ASN C 179 -23.28 -7.90 -8.00
CA ASN C 179 -22.80 -6.84 -8.87
C ASN C 179 -21.56 -6.22 -8.26
N LEU C 180 -20.58 -7.07 -7.98
CA LEU C 180 -19.41 -6.64 -7.18
C LEU C 180 -18.45 -5.69 -7.90
N ASN C 181 -18.57 -5.63 -9.23
CA ASN C 181 -17.79 -4.63 -10.05
C ASN C 181 -18.65 -3.38 -10.30
N GLY C 182 -19.70 -3.21 -9.52
CA GLY C 182 -20.54 -2.00 -9.56
C GLY C 182 -19.88 -0.79 -8.96
N ARG C 183 -20.64 0.30 -8.83
CA ARG C 183 -20.06 1.56 -8.39
C ARG C 183 -19.85 1.53 -6.92
N TYR C 184 -18.80 2.22 -6.48
CA TYR C 184 -18.44 2.31 -5.08
C TYR C 184 -19.36 3.39 -4.45
N LEU C 185 -20.60 3.00 -4.11
CA LEU C 185 -21.61 3.96 -3.66
C LEU C 185 -21.65 4.21 -2.15
N ARG C 186 -20.88 3.47 -1.36
CA ARG C 186 -20.69 3.80 0.07
C ARG C 186 -21.93 3.61 0.95
N GLY C 187 -22.25 2.36 1.29
CA GLY C 187 -23.29 2.08 2.22
C GLY C 187 -24.63 2.12 1.53
N THR C 188 -25.65 2.56 2.26
CA THR C 188 -27.00 2.54 1.74
C THR C 188 -27.09 3.55 0.60
N HIS C 189 -27.82 3.17 -0.44
CA HIS C 189 -28.05 4.05 -1.59
C HIS C 189 -29.51 3.82 -2.06
N GLY C 190 -30.16 4.90 -2.45
CA GLY C 190 -31.52 4.86 -3.01
C GLY C 190 -31.55 4.22 -4.40
N SER C 191 -30.54 4.53 -5.20
CA SER C 191 -30.47 4.02 -6.59
C SER C 191 -30.49 2.45 -6.52
N PHE C 192 -31.20 1.84 -7.46
CA PHE C 192 -31.44 0.42 -7.45
C PHE C 192 -30.31 -0.47 -8.05
N ALA C 193 -29.60 -1.17 -7.18
CA ALA C 193 -28.77 -2.29 -7.58
C ALA C 193 -27.55 -1.96 -8.48
N ASN C 194 -27.06 -0.73 -8.39
CA ASN C 194 -25.93 -0.29 -9.20
C ASN C 194 -24.68 -0.07 -8.37
N GLY C 195 -24.68 -0.56 -7.13
CA GLY C 195 -23.51 -0.52 -6.26
C GLY C 195 -22.81 -1.85 -6.16
N ILE C 196 -21.94 -1.98 -5.17
CA ILE C 196 -21.24 -3.22 -4.94
C ILE C 196 -22.19 -4.05 -4.10
N ASN C 197 -23.05 -4.76 -4.80
CA ASN C 197 -24.20 -5.39 -4.17
C ASN C 197 -24.19 -6.92 -4.20
N TRP C 198 -24.70 -7.51 -3.12
CA TRP C 198 -24.88 -8.96 -3.00
C TRP C 198 -26.27 -9.12 -2.36
N LYS C 199 -27.22 -9.51 -3.18
CA LYS C 199 -28.61 -9.50 -2.82
C LYS C 199 -28.92 -10.22 -1.51
N SER C 200 -28.44 -11.45 -1.36
CA SER C 200 -28.69 -12.23 -0.16
C SER C 200 -27.89 -11.70 1.04
N GLY C 201 -26.90 -10.82 0.83
CA GLY C 201 -26.12 -10.26 1.94
C GLY C 201 -26.73 -9.00 2.52
N LYS C 202 -26.41 -7.85 1.98
CA LYS C 202 -27.00 -6.59 2.42
C LYS C 202 -28.05 -6.07 1.42
N GLY C 203 -28.26 -6.73 0.29
CA GLY C 203 -29.34 -6.38 -0.62
C GLY C 203 -28.95 -5.46 -1.78
N TYR C 204 -29.94 -5.05 -2.50
CA TYR C 204 -29.76 -4.29 -3.73
C TYR C 204 -29.50 -2.77 -3.50
N ASN C 205 -29.52 -2.33 -2.23
CA ASN C 205 -29.41 -0.94 -1.84
C ASN C 205 -28.34 -0.67 -0.80
N TYR C 206 -27.33 -1.54 -0.78
CA TYR C 206 -26.20 -1.35 0.10
C TYR C 206 -24.92 -1.78 -0.56
N SER C 207 -23.99 -0.85 -0.67
CA SER C 207 -22.76 -1.03 -1.37
C SER C 207 -21.65 -1.22 -0.35
N TYR C 208 -21.02 -2.42 -0.36
CA TYR C 208 -19.97 -2.76 0.62
C TYR C 208 -18.77 -1.85 0.55
N LYS C 209 -18.06 -1.80 1.66
CA LYS C 209 -16.79 -1.11 1.77
C LYS C 209 -15.65 -1.89 1.15
N VAL C 210 -15.67 -3.21 1.38
CA VAL C 210 -14.64 -4.05 0.86
C VAL C 210 -15.29 -5.23 0.14
N SER C 211 -14.74 -5.58 -1.00
CA SER C 211 -15.09 -6.80 -1.71
C SER C 211 -13.78 -7.48 -2.10
N GLU C 212 -13.70 -8.78 -1.97
CA GLU C 212 -12.53 -9.54 -2.48
C GLU C 212 -13.02 -10.86 -3.01
N MET C 213 -12.62 -11.20 -4.21
CA MET C 213 -12.92 -12.50 -4.78
C MET C 213 -11.58 -13.21 -4.98
N LYS C 214 -11.50 -14.45 -4.51
CA LYS C 214 -10.26 -15.17 -4.47
C LYS C 214 -10.45 -16.68 -4.68
N VAL C 215 -9.38 -17.34 -5.10
CA VAL C 215 -9.42 -18.75 -5.41
C VAL C 215 -8.22 -19.52 -4.82
N ARG C 216 -8.41 -20.82 -4.61
CA ARG C 216 -7.41 -21.68 -4.00
C ARG C 216 -7.70 -23.10 -4.51
N PRO C 217 -6.67 -23.90 -4.78
CA PRO C 217 -6.92 -25.28 -5.25
C PRO C 217 -7.71 -26.06 -4.25
N ALA C 218 -8.77 -26.74 -4.73
CA ALA C 218 -9.49 -27.70 -3.87
C ALA C 218 -8.68 -29.02 -3.78
#